data_6K6V
#
_entry.id   6K6V
#
_cell.length_a   100.524
_cell.length_b   100.524
_cell.length_c   182.076
_cell.angle_alpha   90.000
_cell.angle_beta   90.000
_cell.angle_gamma   90.000
#
_symmetry.space_group_name_H-M   'P 43 21 2'
#
loop_
_entity.id
_entity.type
_entity.pdbx_description
1 polymer 'BETA-D-GLUCAN GLUCOHYDROLASE ISOENZYME EXO1'
2 branched 'beta-D-glucopyranose-(1-6)-methyl 6-thio-beta-D-glucopyranoside'
3 non-polymer 2-acetamido-2-deoxy-beta-D-glucopyranose
4 non-polymer GLYCEROL
5 non-polymer 'SULFATE ION'
6 non-polymer 'ACETATE ION'
7 water water
#
_entity_poly.entity_id   1
_entity_poly.type   'polypeptide(L)'
_entity_poly.pdbx_seq_one_letter_code
;HHAADYVLYKDATKPVEDRVADLLGRMTLAEKIGQMTQIERLVATPDVLRDNFIGSLLSGGGSVPRKGATAKEWQDMVDG
FQKACMSTRLGIPMIYGIDAVHGQNNVYGATIFPHNVGLGATRDPYLVKRIGEATALEVRATGIQYAFAPCIAVCRDPRW
GRCYESYSEDRRIVQSMTELIPGLQGDVPKDFTSGMPFVAGKNKVAACAKHFVGDGGTVDGINENNTIINREGLMNIHMP
AYKNAMDKGVSTVMISYSSWNGVKMHANQDLVTGYLKDTLKFKGFVISDWEGIDRITTPAGSDYSYSVKASILAGLDMIM
VPNKYQQFISILTGHVNGGVIPMSRIDDAVTRILRVKFTMGLFENPYADPAMAEQLGKQEHRDLAREAARKSLVLLKNGK
TSTDAPLLPLPKKAPKILVAGSHADNLGYQCGGWTIEAQGDTGRTTVGTTILEAVKAAVDPSTVVVFAENPDAEFVKSGG
FSYAIVAVGEHPYTETKGDNLNLTIPEPGLSTVQAVCGGVRCATVLISGRPVVVQPLLAASDALVAAWLPGSEGQGVTDA
LFGDFGFTGRLPRTWFKSVDQLPMNVGDAHYDPLFRLGYGLTTNATKKY
;
_entity_poly.pdbx_strand_id   A
#
loop_
_chem_comp.id
_chem_comp.type
_chem_comp.name
_chem_comp.formula
ACT non-polymer 'ACETATE ION' 'C2 H3 O2 -1'
BGC D-saccharide, beta linking beta-D-glucopyranose 'C6 H12 O6'
GOL non-polymer GLYCEROL 'C3 H8 O3'
NAG D-saccharide, beta linking 2-acetamido-2-deoxy-beta-D-glucopyranose 'C8 H15 N O6'
SO4 non-polymer 'SULFATE ION' 'O4 S -2'
U1Y D-saccharide 'methyl 6-thio-beta-D-glucopyranoside' 'C7 H14 O5 S'
#
# COMPACT_ATOMS: atom_id res chain seq x y z
N HIS A 1 -5.81 0.68 -42.83
CA HIS A 1 -7.28 0.97 -42.77
C HIS A 1 -7.59 2.49 -42.91
N HIS A 2 -7.21 3.04 -44.06
CA HIS A 2 -7.98 4.06 -44.85
C HIS A 2 -7.29 5.38 -45.24
N ALA A 3 -7.00 6.31 -44.32
CA ALA A 3 -6.32 7.57 -44.70
C ALA A 3 -4.89 7.32 -45.25
N ALA A 4 -4.36 8.25 -46.04
CA ALA A 4 -3.05 8.05 -46.72
C ALA A 4 -1.82 8.09 -45.78
N ASP A 5 -1.89 8.93 -44.75
CA ASP A 5 -0.88 8.95 -43.67
C ASP A 5 -1.22 7.98 -42.49
N TYR A 6 -1.89 6.86 -42.77
CA TYR A 6 -2.35 5.92 -41.75
C TYR A 6 -1.16 5.26 -41.04
N VAL A 7 -1.26 5.08 -39.74
CA VAL A 7 -0.25 4.39 -38.96
C VAL A 7 -0.98 3.41 -38.04
N LEU A 8 -0.77 2.12 -38.26
CA LEU A 8 -1.58 1.09 -37.62
C LEU A 8 -1.57 1.21 -36.09
N TYR A 9 -0.43 1.49 -35.48
CA TYR A 9 -0.39 1.53 -34.01
C TYR A 9 -1.26 2.64 -33.41
N LYS A 10 -1.57 3.66 -34.20
CA LYS A 10 -2.41 4.78 -33.74
C LYS A 10 -3.88 4.53 -33.94
N ASP A 11 -4.22 3.39 -34.53
CA ASP A 11 -5.61 3.05 -34.83
C ASP A 11 -6.22 2.27 -33.64
N ALA A 12 -7.14 2.94 -32.93
CA ALA A 12 -7.78 2.37 -31.75
C ALA A 12 -8.63 1.12 -32.00
N THR A 13 -9.03 0.87 -33.24
CA THR A 13 -9.85 -0.29 -33.56
C THR A 13 -9.07 -1.57 -33.77
N LYS A 14 -7.73 -1.49 -33.79
CA LYS A 14 -6.89 -2.65 -34.06
C LYS A 14 -6.60 -3.42 -32.78
N PRO A 15 -6.36 -4.75 -32.88
CA PRO A 15 -5.98 -5.57 -31.74
C PRO A 15 -4.71 -5.09 -31.08
N VAL A 16 -4.65 -5.22 -29.76
CA VAL A 16 -3.51 -4.72 -28.98
C VAL A 16 -2.21 -5.31 -29.52
N GLU A 17 -2.15 -6.64 -29.72
CA GLU A 17 -0.89 -7.26 -30.18
C GLU A 17 -0.41 -6.75 -31.56
N ASP A 18 -1.35 -6.44 -32.45
CA ASP A 18 -1.02 -5.87 -33.74
C ASP A 18 -0.46 -4.47 -33.57
N ARG A 19 -1.06 -3.69 -32.67
CA ARG A 19 -0.56 -2.35 -32.39
C ARG A 19 0.83 -2.39 -31.77
N VAL A 20 1.02 -3.28 -30.80
CA VAL A 20 2.35 -3.48 -30.18
C VAL A 20 3.44 -3.79 -31.21
N ALA A 21 3.17 -4.77 -32.08
CA ALA A 21 4.14 -5.21 -33.08
C ALA A 21 4.41 -4.10 -34.08
N ASP A 22 3.34 -3.42 -34.49
CA ASP A 22 3.47 -2.33 -35.45
C ASP A 22 4.39 -1.23 -34.93
N LEU A 23 4.19 -0.85 -33.68
CA LEU A 23 4.99 0.22 -33.10
C LEU A 23 6.41 -0.25 -32.82
N LEU A 24 6.54 -1.43 -32.24
CA LEU A 24 7.88 -1.98 -31.92
C LEU A 24 8.81 -1.99 -33.13
N GLY A 25 8.24 -2.39 -34.27
CA GLY A 25 8.99 -2.53 -35.51
C GLY A 25 9.46 -1.23 -36.11
N ARG A 26 8.97 -0.10 -35.60
CA ARG A 26 9.40 1.22 -36.06
C ARG A 26 10.42 1.86 -35.15
N MET A 27 10.68 1.27 -33.98
CA MET A 27 11.43 1.98 -32.93
C MET A 27 12.93 1.82 -33.05
N THR A 28 13.66 2.89 -32.81
CA THR A 28 15.11 2.85 -32.69
C THR A 28 15.47 2.28 -31.33
N LEU A 29 16.72 1.92 -31.17
CA LEU A 29 17.24 1.45 -29.89
C LEU A 29 17.03 2.49 -28.79
N ALA A 30 17.31 3.75 -29.10
CA ALA A 30 17.11 4.80 -28.10
C ALA A 30 15.63 4.90 -27.65
N GLU A 31 14.72 4.70 -28.60
CA GLU A 31 13.28 4.76 -28.31
C GLU A 31 12.85 3.57 -27.47
N LYS A 32 13.44 2.42 -27.77
CA LYS A 32 13.21 1.21 -27.00
C LYS A 32 13.71 1.32 -25.55
N ILE A 33 14.98 1.71 -25.40
CA ILE A 33 15.55 1.82 -24.04
C ILE A 33 14.82 2.93 -23.25
N GLY A 34 14.40 3.99 -23.93
CA GLY A 34 13.55 5.01 -23.34
C GLY A 34 12.30 4.45 -22.67
N GLN A 35 11.62 3.55 -23.34
CA GLN A 35 10.40 2.95 -22.80
C GLN A 35 10.67 2.23 -21.50
N MET A 36 11.87 1.67 -21.39
CA MET A 36 12.28 0.89 -20.24
C MET A 36 12.71 1.75 -19.06
N THR A 37 12.73 3.06 -19.25
CA THR A 37 13.25 3.98 -18.26
C THR A 37 12.12 4.76 -17.55
N GLN A 38 12.04 4.59 -16.22
CA GLN A 38 11.12 5.36 -15.38
C GLN A 38 11.91 6.33 -14.52
N ILE A 39 11.51 7.61 -14.52
CA ILE A 39 12.23 8.63 -13.76
C ILE A 39 11.33 9.37 -12.79
N GLU A 40 11.93 9.88 -11.74
CA GLU A 40 11.24 10.73 -10.79
C GLU A 40 10.77 12.02 -11.46
N ARG A 41 9.55 12.45 -11.12
CA ARG A 41 9.12 13.81 -11.52
C ARG A 41 10.17 14.84 -11.12
N LEU A 42 10.86 14.62 -9.99
CA LEU A 42 11.86 15.59 -9.53
C LEU A 42 13.00 15.84 -10.54
N VAL A 43 13.27 14.90 -11.43
CA VAL A 43 14.33 15.11 -12.43
C VAL A 43 13.81 15.25 -13.85
N ALA A 44 12.49 15.28 -14.02
CA ALA A 44 11.88 15.38 -15.32
C ALA A 44 11.72 16.83 -15.75
N THR A 45 11.96 17.08 -17.03
CA THR A 45 11.65 18.36 -17.69
C THR A 45 11.15 17.98 -19.08
N PRO A 46 10.49 18.91 -19.80
CA PRO A 46 10.03 18.57 -21.13
C PRO A 46 11.15 18.09 -22.06
N ASP A 47 12.32 18.75 -22.03
CA ASP A 47 13.43 18.33 -22.90
C ASP A 47 13.97 16.95 -22.51
N VAL A 48 14.04 16.67 -21.21
CA VAL A 48 14.56 15.39 -20.76
C VAL A 48 13.67 14.27 -21.24
N LEU A 49 12.36 14.48 -21.11
CA LEU A 49 11.38 13.46 -21.50
C LEU A 49 11.40 13.20 -23.02
N ARG A 50 11.53 14.27 -23.81
CA ARG A 50 11.61 14.17 -25.29
C ARG A 50 12.90 13.52 -25.73
N ASP A 51 14.00 14.13 -25.28
CA ASP A 51 15.35 13.78 -25.75
C ASP A 51 15.73 12.36 -25.42
N ASN A 52 15.25 11.85 -24.28
CA ASN A 52 15.55 10.46 -23.90
C ASN A 52 14.40 9.46 -24.11
N PHE A 53 13.31 9.91 -24.72
CA PHE A 53 12.20 9.05 -25.12
C PHE A 53 11.63 8.27 -23.91
N ILE A 54 11.51 8.97 -22.79
CA ILE A 54 11.21 8.37 -21.50
C ILE A 54 9.85 7.69 -21.50
N GLY A 55 9.78 6.51 -20.90
CA GLY A 55 8.60 5.67 -20.91
C GLY A 55 7.65 5.89 -19.75
N SER A 56 8.19 6.35 -18.62
CA SER A 56 7.39 6.41 -17.40
C SER A 56 7.96 7.41 -16.42
N LEU A 57 7.07 7.98 -15.62
CA LEU A 57 7.45 8.79 -14.47
C LEU A 57 6.81 8.21 -13.22
N LEU A 58 7.38 8.57 -12.06
CA LEU A 58 6.73 8.31 -10.79
C LEU A 58 6.89 9.47 -9.83
N SER A 59 5.99 9.51 -8.86
CA SER A 59 6.21 10.18 -7.58
C SER A 59 6.57 9.12 -6.57
N GLY A 60 7.80 9.18 -6.04
CA GLY A 60 8.11 8.44 -4.82
C GLY A 60 7.32 9.04 -3.63
N GLY A 61 7.46 8.45 -2.45
CA GLY A 61 6.76 8.97 -1.26
C GLY A 61 7.10 10.45 -1.03
N GLY A 62 6.06 11.26 -0.91
CA GLY A 62 6.22 12.68 -0.70
C GLY A 62 6.68 13.51 -1.88
N SER A 63 6.72 12.92 -3.08
CA SER A 63 7.12 13.68 -4.29
C SER A 63 5.86 14.27 -4.92
N VAL A 64 5.66 15.55 -4.65
CA VAL A 64 4.42 16.26 -4.92
C VAL A 64 4.73 17.64 -5.53
N PRO A 65 3.80 18.16 -6.35
CA PRO A 65 4.08 19.43 -7.01
C PRO A 65 4.24 20.59 -6.01
N ARG A 66 3.43 20.53 -4.97
CA ARG A 66 3.68 21.29 -3.76
C ARG A 66 2.79 20.79 -2.63
N LYS A 67 3.11 21.21 -1.42
CA LYS A 67 2.30 20.78 -0.30
C LYS A 67 0.92 21.37 -0.49
N GLY A 68 -0.09 20.59 -0.20
CA GLY A 68 -1.47 21.08 -0.28
C GLY A 68 -1.99 21.23 -1.70
N ALA A 69 -1.31 20.66 -2.68
CA ALA A 69 -1.73 20.81 -4.11
C ALA A 69 -3.14 20.28 -4.33
N THR A 70 -3.92 20.98 -5.12
CA THR A 70 -5.27 20.52 -5.48
C THR A 70 -5.20 19.38 -6.50
N ALA A 71 -6.32 18.69 -6.71
CA ALA A 71 -6.38 17.67 -7.75
C ALA A 71 -5.99 18.26 -9.12
N LYS A 72 -6.46 19.47 -9.39
CA LYS A 72 -6.16 20.11 -10.66
C LYS A 72 -4.67 20.38 -10.83
N GLU A 73 -4.00 20.81 -9.76
CA GLU A 73 -2.54 21.00 -9.81
C GLU A 73 -1.85 19.69 -10.20
N TRP A 74 -2.29 18.59 -9.63
CA TRP A 74 -1.70 17.31 -10.02
C TRP A 74 -1.98 17.01 -11.51
N GLN A 75 -3.21 17.20 -11.96
CA GLN A 75 -3.55 16.93 -13.36
C GLN A 75 -2.69 17.75 -14.32
N ASP A 76 -2.50 19.01 -13.99
CA ASP A 76 -1.75 19.92 -14.84
C ASP A 76 -0.27 19.48 -14.88
N MET A 77 0.27 19.03 -13.76
CA MET A 77 1.63 18.52 -13.73
C MET A 77 1.80 17.30 -14.64
N VAL A 78 0.91 16.32 -14.45
CA VAL A 78 1.00 15.10 -15.21
C VAL A 78 0.81 15.40 -16.70
N ASP A 79 -0.17 16.24 -17.04
CA ASP A 79 -0.42 16.60 -18.44
C ASP A 79 0.77 17.30 -19.08
N GLY A 80 1.45 18.16 -18.32
CA GLY A 80 2.67 18.85 -18.79
C GLY A 80 3.77 17.88 -19.18
N PHE A 81 3.99 16.87 -18.36
CA PHE A 81 4.91 15.80 -18.68
C PHE A 81 4.42 15.03 -19.93
N GLN A 82 3.12 14.71 -19.97
CA GLN A 82 2.56 13.93 -21.09
C GLN A 82 2.69 14.67 -22.41
N LYS A 83 2.47 15.98 -22.39
CA LYS A 83 2.60 16.82 -23.58
C LYS A 83 4.00 16.69 -24.21
N ALA A 84 5.04 16.66 -23.38
CA ALA A 84 6.40 16.50 -23.86
C ALA A 84 6.57 15.11 -24.47
N CYS A 85 6.06 14.07 -23.79
CA CYS A 85 6.17 12.71 -24.33
C CYS A 85 5.40 12.54 -25.63
N MET A 86 4.22 13.17 -25.74
CA MET A 86 3.45 13.02 -26.98
C MET A 86 4.07 13.78 -28.16
N SER A 87 5.04 14.63 -27.88
CA SER A 87 5.69 15.44 -28.91
C SER A 87 6.92 14.73 -29.53
N THR A 88 7.27 13.55 -29.03
CA THR A 88 8.31 12.78 -29.65
C THR A 88 7.86 12.30 -31.04
N ARG A 89 8.84 11.83 -31.80
CA ARG A 89 8.61 11.30 -33.14
C ARG A 89 7.49 10.27 -33.19
N LEU A 90 7.50 9.30 -32.28
CA LEU A 90 6.44 8.29 -32.27
C LEU A 90 5.22 8.62 -31.40
N GLY A 91 5.37 9.59 -30.49
CA GLY A 91 4.28 10.06 -29.64
C GLY A 91 3.77 8.96 -28.73
N ILE A 92 4.69 8.27 -28.06
CA ILE A 92 4.31 7.23 -27.13
C ILE A 92 4.02 7.88 -25.77
N PRO A 93 2.78 7.74 -25.28
CA PRO A 93 2.47 8.37 -23.99
C PRO A 93 3.23 7.72 -22.84
N MET A 94 3.64 8.52 -21.86
CA MET A 94 4.19 7.97 -20.65
C MET A 94 3.06 7.47 -19.74
N ILE A 95 3.42 6.56 -18.86
CA ILE A 95 2.54 6.10 -17.77
C ILE A 95 3.16 6.64 -16.47
N TYR A 96 2.31 7.22 -15.63
CA TYR A 96 2.74 7.87 -14.38
C TYR A 96 2.30 7.00 -13.21
N GLY A 97 3.27 6.59 -12.39
CA GLY A 97 3.03 5.74 -11.23
C GLY A 97 3.17 6.41 -9.88
N ILE A 98 2.46 5.87 -8.89
CA ILE A 98 2.48 6.42 -7.55
C ILE A 98 2.07 5.35 -6.53
N ASP A 99 2.53 5.50 -5.29
CA ASP A 99 2.09 4.61 -4.20
C ASP A 99 0.75 5.08 -3.67
N ALA A 100 -0.32 4.60 -4.30
CA ALA A 100 -1.67 4.75 -3.76
C ALA A 100 -1.99 3.39 -3.14
N VAL A 101 -1.56 3.26 -1.89
CA VAL A 101 -1.59 1.99 -1.17
C VAL A 101 -2.63 1.94 -0.05
N HIS A 102 -3.23 3.07 0.31
CA HIS A 102 -4.42 3.06 1.20
C HIS A 102 -5.20 4.32 0.90
N GLY A 103 -5.69 4.37 -0.34
CA GLY A 103 -6.15 5.59 -0.96
C GLY A 103 -5.01 6.23 -1.75
N GLN A 104 -5.28 7.40 -2.29
CA GLN A 104 -4.28 8.17 -3.05
C GLN A 104 -3.47 8.99 -2.05
N ASN A 105 -2.69 8.29 -1.27
CA ASN A 105 -2.23 8.80 0.01
C ASN A 105 -1.14 9.88 0.05
N ASN A 106 -0.44 10.14 -1.07
CA ASN A 106 0.48 11.28 -1.13
C ASN A 106 -0.25 12.62 -1.27
N VAL A 107 -1.53 12.56 -1.61
CA VAL A 107 -2.28 13.74 -2.02
C VAL A 107 -3.10 14.33 -0.88
N TYR A 108 -2.95 15.63 -0.68
CA TYR A 108 -3.75 16.36 0.31
C TYR A 108 -5.24 16.24 -0.01
N GLY A 109 -6.06 15.93 0.99
CA GLY A 109 -7.50 15.81 0.76
C GLY A 109 -7.97 14.49 0.19
N ALA A 110 -7.05 13.56 -0.07
CA ALA A 110 -7.43 12.22 -0.52
C ALA A 110 -7.97 11.39 0.64
N THR A 111 -8.99 10.61 0.34
CA THR A 111 -9.52 9.68 1.34
C THR A 111 -8.43 8.68 1.75
N ILE A 112 -8.18 8.54 3.05
CA ILE A 112 -7.17 7.60 3.54
C ILE A 112 -7.85 6.38 4.19
N PHE A 113 -7.70 5.24 3.53
CA PHE A 113 -8.29 3.98 4.00
C PHE A 113 -7.39 3.30 5.05
N PRO A 114 -7.95 2.38 5.84
CA PRO A 114 -7.11 1.57 6.73
C PRO A 114 -6.01 0.87 5.98
N HIS A 115 -4.84 0.76 6.60
CA HIS A 115 -3.77 -0.04 6.04
C HIS A 115 -4.15 -1.53 5.96
N ASN A 116 -3.39 -2.24 5.17
CA ASN A 116 -3.69 -3.62 4.82
C ASN A 116 -3.91 -4.58 5.98
N VAL A 117 -3.12 -4.47 7.05
CA VAL A 117 -3.28 -5.40 8.16
C VAL A 117 -4.70 -5.29 8.73
N GLY A 118 -5.22 -4.08 8.89
CA GLY A 118 -6.60 -3.88 9.31
C GLY A 118 -7.62 -4.42 8.34
N LEU A 119 -7.34 -4.28 7.05
CA LEU A 119 -8.23 -4.86 6.03
C LEU A 119 -8.26 -6.38 6.13
N GLY A 120 -7.13 -7.00 6.43
CA GLY A 120 -7.10 -8.43 6.70
C GLY A 120 -8.01 -8.83 7.85
N ALA A 121 -8.06 -7.99 8.87
CA ALA A 121 -8.97 -8.21 10.01
C ALA A 121 -10.46 -8.22 9.64
N THR A 122 -10.84 -7.57 8.54
CA THR A 122 -12.23 -7.60 8.07
C THR A 122 -12.69 -8.94 7.50
N ARG A 123 -11.76 -9.74 7.01
CA ARG A 123 -12.09 -10.93 6.21
C ARG A 123 -13.16 -10.63 5.14
N ASP A 124 -13.09 -9.44 4.53
CA ASP A 124 -14.14 -8.98 3.62
C ASP A 124 -13.53 -8.58 2.26
N PRO A 125 -13.32 -9.55 1.37
CA PRO A 125 -12.70 -9.25 0.09
C PRO A 125 -13.49 -8.29 -0.76
N TYR A 126 -14.82 -8.32 -0.68
CA TYR A 126 -15.63 -7.39 -1.46
C TYR A 126 -15.46 -5.95 -0.98
N LEU A 127 -15.36 -5.73 0.32
CA LEU A 127 -15.01 -4.44 0.85
C LEU A 127 -13.69 -3.94 0.21
N VAL A 128 -12.70 -4.82 0.13
CA VAL A 128 -11.38 -4.45 -0.39
C VAL A 128 -11.47 -4.13 -1.88
N LYS A 129 -12.31 -4.89 -2.61
CA LYS A 129 -12.58 -4.55 -4.01
C LYS A 129 -13.14 -3.14 -4.16
N ARG A 130 -14.13 -2.81 -3.34
CA ARG A 130 -14.76 -1.50 -3.37
C ARG A 130 -13.74 -0.40 -3.00
N ILE A 131 -12.84 -0.69 -2.07
CA ILE A 131 -11.74 0.23 -1.77
C ILE A 131 -10.84 0.41 -3.00
N GLY A 132 -10.53 -0.66 -3.74
CA GLY A 132 -9.80 -0.52 -5.00
C GLY A 132 -10.51 0.38 -5.99
N GLU A 133 -11.84 0.22 -6.10
CA GLU A 133 -12.64 1.00 -7.00
C GLU A 133 -12.58 2.49 -6.66
N ALA A 134 -12.75 2.81 -5.40
CA ALA A 134 -12.68 4.19 -4.91
C ALA A 134 -11.31 4.80 -5.07
N THR A 135 -10.28 4.02 -4.77
CA THR A 135 -8.90 4.45 -4.94
C THR A 135 -8.56 4.76 -6.40
N ALA A 136 -9.01 3.93 -7.34
CA ALA A 136 -8.79 4.20 -8.75
C ALA A 136 -9.35 5.58 -9.14
N LEU A 137 -10.54 5.89 -8.63
CA LEU A 137 -11.19 7.14 -8.95
C LEU A 137 -10.38 8.32 -8.38
N GLU A 138 -9.86 8.18 -7.17
CA GLU A 138 -9.10 9.26 -6.55
C GLU A 138 -7.72 9.40 -7.15
N VAL A 139 -7.16 8.31 -7.64
CA VAL A 139 -5.88 8.40 -8.41
C VAL A 139 -6.10 9.12 -9.76
N ARG A 140 -7.16 8.74 -10.48
CA ARG A 140 -7.48 9.38 -11.75
C ARG A 140 -7.91 10.84 -11.57
N ALA A 141 -8.43 11.17 -10.39
CA ALA A 141 -8.72 12.58 -10.06
C ALA A 141 -7.49 13.47 -10.18
N THR A 142 -6.34 12.87 -9.92
CA THR A 142 -5.05 13.57 -9.95
C THR A 142 -4.28 13.35 -11.26
N GLY A 143 -4.93 12.68 -12.24
CA GLY A 143 -4.33 12.50 -13.56
C GLY A 143 -3.40 11.32 -13.64
N ILE A 144 -3.33 10.54 -12.57
CA ILE A 144 -2.38 9.43 -12.52
C ILE A 144 -3.04 8.11 -12.93
N GLN A 145 -2.29 7.29 -13.68
CA GLN A 145 -2.88 6.10 -14.32
C GLN A 145 -2.40 4.76 -13.74
N TYR A 146 -1.56 4.78 -12.70
CA TYR A 146 -0.83 3.57 -12.29
C TYR A 146 -0.51 3.62 -10.81
N ALA A 147 -0.98 2.63 -10.05
CA ALA A 147 -0.78 2.55 -8.61
C ALA A 147 0.12 1.38 -8.28
N PHE A 148 1.12 1.62 -7.44
CA PHE A 148 2.04 0.55 -7.01
C PHE A 148 1.41 -0.25 -5.87
N ALA A 149 0.32 -0.93 -6.17
CA ALA A 149 -0.44 -1.69 -5.20
C ALA A 149 -1.21 -2.82 -5.94
N PRO A 150 -1.52 -3.94 -5.24
CA PRO A 150 -1.35 -4.24 -3.83
C PRO A 150 0.00 -4.80 -3.44
N CYS A 151 0.43 -4.45 -2.23
CA CYS A 151 1.47 -5.22 -1.57
C CYS A 151 0.84 -6.54 -1.11
N ILE A 152 1.27 -7.64 -1.74
CA ILE A 152 0.82 -8.98 -1.36
C ILE A 152 1.90 -9.76 -0.61
N ALA A 153 2.77 -9.04 0.09
CA ALA A 153 3.67 -9.65 1.07
C ALA A 153 2.87 -10.46 2.10
N VAL A 154 3.43 -11.57 2.54
CA VAL A 154 2.87 -12.37 3.64
C VAL A 154 3.87 -12.19 4.78
N CYS A 155 3.59 -11.25 5.67
CA CYS A 155 4.54 -10.88 6.71
C CYS A 155 4.57 -11.97 7.76
N ARG A 156 5.74 -12.59 7.89
CA ARG A 156 5.94 -13.72 8.80
C ARG A 156 6.62 -13.35 10.11
N ASP A 157 6.94 -12.06 10.27
CA ASP A 157 7.60 -11.55 11.46
C ASP A 157 7.27 -10.06 11.63
N PRO A 158 6.49 -9.71 12.68
CA PRO A 158 5.98 -8.36 12.84
C PRO A 158 7.06 -7.35 13.20
N ARG A 159 8.30 -7.81 13.44
CA ARG A 159 9.41 -6.88 13.60
C ARG A 159 9.74 -6.11 12.30
N TRP A 160 9.21 -6.57 11.17
CA TRP A 160 9.36 -5.86 9.87
C TRP A 160 8.59 -4.53 9.86
N GLY A 161 9.27 -3.47 9.43
CA GLY A 161 8.68 -2.15 9.33
C GLY A 161 7.57 -1.99 8.28
N ARG A 162 7.35 -3.01 7.46
CA ARG A 162 6.27 -2.98 6.50
C ARG A 162 5.19 -4.01 6.79
N CYS A 163 5.17 -4.57 8.01
CA CYS A 163 4.16 -5.60 8.33
C CYS A 163 2.72 -5.09 8.14
N TYR A 164 2.48 -3.80 8.37
CA TYR A 164 1.12 -3.24 8.19
C TYR A 164 0.68 -3.22 6.72
N GLU A 165 1.64 -3.35 5.80
CA GLU A 165 1.33 -3.44 4.37
C GLU A 165 0.97 -4.86 3.92
N SER A 166 1.00 -5.79 4.87
CA SER A 166 0.59 -7.17 4.61
C SER A 166 -0.78 -7.43 5.19
N TYR A 167 -1.68 -7.98 4.40
CA TYR A 167 -3.02 -8.29 4.90
C TYR A 167 -2.97 -9.32 6.02
N SER A 168 -1.96 -10.19 6.03
CA SER A 168 -1.95 -11.32 6.99
C SER A 168 -0.70 -12.16 6.95
N GLU A 169 -0.42 -12.87 8.04
CA GLU A 169 0.65 -13.89 8.03
C GLU A 169 0.19 -15.18 7.37
N ASP A 170 -1.12 -15.29 7.12
CA ASP A 170 -1.72 -16.44 6.46
C ASP A 170 -1.93 -16.10 4.98
N ARG A 171 -1.15 -16.74 4.13
CA ARG A 171 -1.30 -16.58 2.70
C ARG A 171 -2.74 -16.70 2.18
N ARG A 172 -3.59 -17.51 2.82
CA ARG A 172 -4.97 -17.64 2.36
C ARG A 172 -5.73 -16.33 2.45
N ILE A 173 -5.46 -15.54 3.48
CA ILE A 173 -6.12 -14.26 3.62
C ILE A 173 -5.59 -13.28 2.57
N VAL A 174 -4.27 -13.26 2.38
CA VAL A 174 -3.65 -12.41 1.37
C VAL A 174 -4.25 -12.74 0.00
N GLN A 175 -4.34 -14.03 -0.33
CA GLN A 175 -4.95 -14.47 -1.58
C GLN A 175 -6.36 -13.90 -1.73
N SER A 176 -7.19 -14.01 -0.69
CA SER A 176 -8.55 -13.49 -0.74
C SER A 176 -8.58 -11.99 -1.04
N MET A 177 -7.60 -11.25 -0.55
CA MET A 177 -7.59 -9.78 -0.70
C MET A 177 -6.98 -9.26 -2.00
N THR A 178 -6.55 -10.17 -2.88
CA THR A 178 -6.19 -9.80 -4.24
C THR A 178 -7.37 -9.23 -5.02
N GLU A 179 -8.58 -9.28 -4.45
CA GLU A 179 -9.74 -8.55 -4.97
C GLU A 179 -9.50 -7.06 -5.15
N LEU A 180 -8.53 -6.50 -4.42
CA LEU A 180 -8.14 -5.12 -4.68
C LEU A 180 -7.86 -4.89 -6.19
N ILE A 181 -7.25 -5.88 -6.83
CA ILE A 181 -6.78 -5.75 -8.21
C ILE A 181 -7.89 -5.42 -9.20
N PRO A 182 -8.97 -6.25 -9.28
CA PRO A 182 -10.09 -5.90 -10.15
C PRO A 182 -10.88 -4.69 -9.65
N GLY A 183 -10.73 -4.27 -8.39
CA GLY A 183 -11.27 -2.99 -7.99
C GLY A 183 -10.51 -1.83 -8.67
N LEU A 184 -9.19 -1.89 -8.62
CA LEU A 184 -8.34 -0.84 -9.20
C LEU A 184 -8.43 -0.82 -10.72
N GLN A 185 -8.41 -2.01 -11.31
CA GLN A 185 -8.27 -2.18 -12.75
C GLN A 185 -9.60 -2.41 -13.52
N GLY A 186 -10.62 -2.88 -12.83
CA GLY A 186 -11.81 -3.42 -13.45
C GLY A 186 -11.76 -4.94 -13.54
N ASP A 187 -12.95 -5.55 -13.61
CA ASP A 187 -13.07 -7.01 -13.71
C ASP A 187 -12.62 -7.45 -15.08
N VAL A 188 -11.93 -8.58 -15.15
CA VAL A 188 -11.46 -9.09 -16.44
C VAL A 188 -12.64 -9.77 -17.17
N PRO A 189 -12.59 -9.84 -18.50
CA PRO A 189 -13.73 -10.44 -19.20
C PRO A 189 -13.87 -11.96 -18.96
N LYS A 190 -15.03 -12.48 -19.33
CA LYS A 190 -15.39 -13.91 -19.10
C LYS A 190 -14.30 -14.93 -19.46
N ASP A 191 -13.63 -14.70 -20.58
CA ASP A 191 -12.80 -15.71 -21.21
C ASP A 191 -11.30 -15.38 -21.04
N PHE A 192 -10.97 -14.74 -19.93
CA PHE A 192 -9.69 -14.09 -19.78
C PHE A 192 -8.56 -15.08 -19.57
N THR A 193 -7.45 -14.90 -20.28
CA THR A 193 -6.27 -15.76 -20.05
C THR A 193 -5.39 -15.32 -18.87
N SER A 194 -5.26 -16.19 -17.86
CA SER A 194 -4.44 -15.87 -16.67
C SER A 194 -3.05 -15.39 -17.09
N GLY A 195 -2.59 -14.29 -16.50
CA GLY A 195 -1.26 -13.75 -16.80
C GLY A 195 -1.26 -12.58 -17.76
N MET A 196 -2.35 -12.39 -18.52
CA MET A 196 -2.48 -11.21 -19.37
C MET A 196 -2.78 -9.97 -18.51
N PRO A 197 -2.29 -8.81 -18.95
CA PRO A 197 -2.56 -7.57 -18.21
C PRO A 197 -3.94 -7.05 -18.60
N PHE A 198 -4.60 -6.34 -17.71
CA PHE A 198 -5.93 -5.77 -17.98
C PHE A 198 -6.13 -4.48 -17.22
N VAL A 199 -6.64 -3.46 -17.91
CA VAL A 199 -7.23 -2.28 -17.26
C VAL A 199 -8.44 -1.89 -18.12
N ALA A 200 -9.56 -1.57 -17.49
CA ALA A 200 -10.82 -1.40 -18.21
C ALA A 200 -10.85 -0.16 -19.10
N GLY A 201 -10.21 0.92 -18.66
CA GLY A 201 -10.31 2.20 -19.33
C GLY A 201 -9.86 3.35 -18.46
N LYS A 202 -10.26 4.56 -18.86
CA LYS A 202 -9.71 5.80 -18.32
C LYS A 202 -10.14 6.11 -16.88
N ASN A 203 -11.14 5.39 -16.37
CA ASN A 203 -11.60 5.56 -15.01
C ASN A 203 -11.01 4.51 -14.06
N LYS A 204 -10.13 3.67 -14.60
CA LYS A 204 -9.39 2.67 -13.83
C LYS A 204 -7.88 2.94 -13.94
N VAL A 205 -7.11 2.21 -13.15
CA VAL A 205 -5.66 2.33 -13.16
C VAL A 205 -4.99 0.98 -13.27
N ALA A 206 -3.78 0.96 -13.81
CA ALA A 206 -2.94 -0.22 -13.77
C ALA A 206 -2.52 -0.46 -12.31
N ALA A 207 -2.51 -1.74 -11.92
CA ALA A 207 -2.11 -2.18 -10.60
C ALA A 207 -0.73 -2.81 -10.67
N CYS A 208 -0.22 -3.19 -9.49
CA CYS A 208 1.14 -3.71 -9.34
C CYS A 208 1.18 -4.66 -8.14
N ALA A 209 1.34 -5.95 -8.39
CA ALA A 209 1.51 -6.89 -7.30
C ALA A 209 2.97 -6.81 -6.86
N LYS A 210 3.20 -6.51 -5.57
CA LYS A 210 4.56 -6.31 -5.08
C LYS A 210 4.75 -6.92 -3.68
N HIS A 211 5.99 -7.20 -3.25
CA HIS A 211 7.22 -7.16 -4.03
C HIS A 211 7.68 -8.63 -4.23
N PHE A 212 7.93 -8.99 -5.48
CA PHE A 212 8.14 -10.36 -5.89
C PHE A 212 9.59 -10.73 -5.55
N VAL A 213 9.82 -11.74 -4.69
CA VAL A 213 8.82 -12.54 -3.95
C VAL A 213 9.52 -12.88 -2.62
N GLY A 214 8.74 -13.07 -1.58
CA GLY A 214 9.29 -13.36 -0.25
C GLY A 214 9.71 -12.14 0.56
N ASP A 215 9.22 -10.97 0.18
CA ASP A 215 9.50 -9.75 0.93
C ASP A 215 9.06 -9.82 2.37
N GLY A 216 8.02 -10.59 2.67
CA GLY A 216 7.53 -10.74 4.05
C GLY A 216 8.23 -11.87 4.83
N GLY A 217 9.20 -12.53 4.21
CA GLY A 217 9.85 -13.73 4.85
C GLY A 217 11.26 -13.47 5.33
N THR A 218 11.67 -12.21 5.45
CA THR A 218 13.09 -11.93 5.69
C THR A 218 13.50 -12.23 7.13
N VAL A 219 14.81 -12.53 7.31
CA VAL A 219 15.35 -12.93 8.62
C VAL A 219 15.10 -11.82 9.64
N ASP A 220 14.49 -12.19 10.78
CA ASP A 220 14.16 -11.24 11.88
C ASP A 220 13.32 -10.04 11.41
N GLY A 221 12.57 -10.19 10.31
CA GLY A 221 11.87 -9.07 9.71
C GLY A 221 12.74 -7.89 9.28
N ILE A 222 14.02 -8.12 8.98
CA ILE A 222 14.88 -7.04 8.52
C ILE A 222 14.49 -6.66 7.08
N ASN A 223 14.18 -5.39 6.88
CA ASN A 223 13.69 -4.89 5.59
C ASN A 223 14.80 -5.04 4.54
N GLU A 224 14.41 -5.53 3.36
CA GLU A 224 15.31 -5.68 2.21
C GLU A 224 16.35 -6.79 2.39
N ASN A 225 16.15 -7.65 3.38
CA ASN A 225 17.19 -8.63 3.74
C ASN A 225 17.02 -9.98 3.05
N ASN A 226 17.53 -11.04 3.66
CA ASN A 226 17.52 -12.37 3.09
C ASN A 226 16.34 -13.16 3.64
N THR A 227 15.63 -13.81 2.75
CA THR A 227 14.58 -14.74 3.09
C THR A 227 15.14 -16.15 2.91
N ILE A 228 15.31 -16.85 4.04
CA ILE A 228 15.92 -18.18 4.05
C ILE A 228 14.82 -19.21 4.21
N ILE A 229 14.49 -19.91 3.12
CA ILE A 229 13.41 -20.89 3.13
C ILE A 229 13.57 -21.74 1.90
N ASN A 230 13.22 -23.03 1.98
CA ASN A 230 13.31 -23.90 0.82
C ASN A 230 12.25 -23.58 -0.21
N ARG A 231 12.41 -24.09 -1.43
CA ARG A 231 11.48 -23.77 -2.52
C ARG A 231 10.05 -24.12 -2.13
N GLU A 232 9.88 -25.22 -1.42
CA GLU A 232 8.54 -25.67 -1.06
C GLU A 232 7.82 -24.62 -0.18
N GLY A 233 8.55 -24.03 0.76
CA GLY A 233 8.04 -22.99 1.64
C GLY A 233 7.84 -21.68 0.91
N LEU A 234 8.74 -21.34 0.00
CA LEU A 234 8.55 -20.16 -0.84
C LEU A 234 7.26 -20.29 -1.63
N MET A 235 7.05 -21.46 -2.20
CA MET A 235 5.91 -21.68 -3.08
C MET A 235 4.63 -21.87 -2.31
N ASN A 236 4.72 -22.30 -1.06
CA ASN A 236 3.56 -22.56 -0.24
C ASN A 236 3.07 -21.30 0.52
N ILE A 237 3.99 -20.38 0.84
CA ILE A 237 3.66 -19.21 1.68
C ILE A 237 3.69 -17.91 0.88
N HIS A 238 4.79 -17.65 0.19
CA HIS A 238 5.06 -16.33 -0.38
C HIS A 238 4.59 -16.13 -1.81
N MET A 239 4.46 -17.22 -2.55
CA MET A 239 4.08 -17.20 -3.96
C MET A 239 2.59 -17.26 -4.28
N PRO A 240 1.77 -18.02 -3.52
CA PRO A 240 0.40 -18.26 -3.99
C PRO A 240 -0.42 -17.04 -4.49
N ALA A 241 -0.36 -15.94 -3.76
CA ALA A 241 -1.16 -14.76 -4.14
C ALA A 241 -0.74 -14.14 -5.48
N TYR A 242 0.49 -14.39 -5.91
CA TYR A 242 0.92 -13.99 -7.28
C TYR A 242 0.14 -14.70 -8.37
N LYS A 243 -0.23 -15.96 -8.14
CA LYS A 243 -1.04 -16.70 -9.11
C LYS A 243 -2.46 -16.15 -9.16
N ASN A 244 -3.04 -15.85 -8.00
CA ASN A 244 -4.33 -15.15 -7.95
C ASN A 244 -4.28 -13.81 -8.72
N ALA A 245 -3.18 -13.07 -8.53
CA ALA A 245 -2.96 -11.81 -9.28
C ALA A 245 -2.93 -12.02 -10.80
N MET A 246 -2.23 -13.07 -11.26
CA MET A 246 -2.27 -13.46 -12.68
C MET A 246 -3.67 -13.73 -13.18
N ASP A 247 -4.45 -14.48 -12.37
CA ASP A 247 -5.81 -14.83 -12.73
C ASP A 247 -6.70 -13.61 -12.87
N LYS A 248 -6.36 -12.54 -12.13
CA LYS A 248 -7.14 -11.30 -12.15
C LYS A 248 -6.53 -10.22 -13.05
N GLY A 249 -5.51 -10.58 -13.81
CA GLY A 249 -5.00 -9.68 -14.83
C GLY A 249 -4.15 -8.52 -14.34
N VAL A 250 -3.43 -8.69 -13.23
CA VAL A 250 -2.59 -7.62 -12.71
C VAL A 250 -1.65 -7.18 -13.84
N SER A 251 -1.52 -5.87 -14.05
CA SER A 251 -0.81 -5.33 -15.22
C SER A 251 0.69 -5.35 -15.07
N THR A 252 1.15 -5.16 -13.83
CA THR A 252 2.56 -5.10 -13.54
C THR A 252 2.91 -5.86 -12.26
N VAL A 253 4.20 -6.19 -12.15
CA VAL A 253 4.75 -6.79 -10.96
C VAL A 253 6.04 -6.06 -10.63
N MET A 254 6.18 -5.65 -9.38
CA MET A 254 7.41 -5.02 -8.91
C MET A 254 8.30 -6.04 -8.17
N ILE A 255 9.59 -6.02 -8.46
CA ILE A 255 10.54 -6.93 -7.83
C ILE A 255 10.97 -6.43 -6.46
N SER A 256 11.20 -7.36 -5.54
CA SER A 256 11.62 -7.05 -4.17
C SER A 256 13.11 -6.72 -4.03
N TYR A 257 13.41 -5.79 -3.13
CA TYR A 257 14.80 -5.58 -2.71
C TYR A 257 15.43 -6.81 -2.03
N SER A 258 14.58 -7.68 -1.46
CA SER A 258 15.04 -8.80 -0.65
C SER A 258 15.71 -9.87 -1.50
N SER A 259 16.37 -10.79 -0.82
CA SER A 259 17.05 -11.91 -1.46
C SER A 259 16.32 -13.22 -1.09
N TRP A 260 16.52 -14.27 -1.88
CA TRP A 260 16.02 -15.60 -1.53
C TRP A 260 17.23 -16.56 -1.45
N ASN A 261 17.47 -17.11 -0.27
CA ASN A 261 18.65 -17.93 0.00
C ASN A 261 19.92 -17.29 -0.55
N GLY A 262 20.07 -15.99 -0.31
CA GLY A 262 21.28 -15.28 -0.72
C GLY A 262 21.33 -14.74 -2.14
N VAL A 263 20.31 -15.03 -2.97
CA VAL A 263 20.27 -14.50 -4.32
C VAL A 263 19.33 -13.28 -4.38
N LYS A 264 19.84 -12.15 -4.82
CA LYS A 264 19.06 -10.92 -4.96
C LYS A 264 17.93 -11.15 -5.96
N MET A 265 16.70 -10.85 -5.54
CA MET A 265 15.54 -10.94 -6.44
C MET A 265 15.73 -10.15 -7.75
N HIS A 266 16.37 -8.98 -7.66
CA HIS A 266 16.61 -8.13 -8.83
C HIS A 266 17.60 -8.74 -9.83
N ALA A 267 18.27 -9.83 -9.44
CA ALA A 267 19.17 -10.54 -10.36
C ALA A 267 18.76 -11.99 -10.55
N ASN A 268 17.55 -12.36 -10.14
CA ASN A 268 17.14 -13.78 -10.16
C ASN A 268 16.37 -14.15 -11.43
N GLN A 269 17.13 -14.63 -12.42
CA GLN A 269 16.55 -15.03 -13.69
C GLN A 269 15.62 -16.22 -13.55
N ASP A 270 15.98 -17.18 -12.70
CA ASP A 270 15.16 -18.37 -12.49
C ASP A 270 13.74 -17.99 -12.02
N LEU A 271 13.64 -17.06 -11.08
CA LEU A 271 12.32 -16.68 -10.56
C LEU A 271 11.59 -15.67 -11.44
N VAL A 272 12.29 -14.64 -11.91
CA VAL A 272 11.66 -13.60 -12.73
C VAL A 272 11.27 -14.11 -14.12
N THR A 273 12.21 -14.74 -14.82
CA THR A 273 11.92 -15.22 -16.18
C THR A 273 11.40 -16.65 -16.13
N GLY A 274 12.12 -17.51 -15.44
CA GLY A 274 11.75 -18.95 -15.38
C GLY A 274 10.40 -19.18 -14.75
N TYR A 275 10.13 -18.52 -13.62
CA TYR A 275 8.86 -18.73 -12.94
C TYR A 275 7.76 -17.74 -13.35
N LEU A 276 7.96 -16.45 -13.08
CA LEU A 276 6.87 -15.48 -13.27
C LEU A 276 6.44 -15.42 -14.72
N LYS A 277 7.40 -15.20 -15.61
CA LYS A 277 7.11 -15.10 -17.03
C LYS A 277 6.84 -16.47 -17.65
N ASP A 278 7.76 -17.42 -17.51
CA ASP A 278 7.66 -18.69 -18.28
C ASP A 278 6.66 -19.71 -17.71
N THR A 279 6.42 -19.69 -16.39
CA THR A 279 5.56 -20.71 -15.74
C THR A 279 4.19 -20.12 -15.41
N LEU A 280 4.16 -18.97 -14.74
CA LEU A 280 2.87 -18.29 -14.50
C LEU A 280 2.33 -17.58 -15.74
N LYS A 281 3.13 -17.49 -16.80
CA LYS A 281 2.70 -16.89 -18.06
C LYS A 281 2.33 -15.39 -17.92
N PHE A 282 2.98 -14.70 -17.00
CA PHE A 282 2.81 -13.24 -16.89
C PHE A 282 3.23 -12.52 -18.17
N LYS A 283 2.33 -11.71 -18.72
CA LYS A 283 2.56 -10.98 -19.98
C LYS A 283 2.50 -9.46 -19.81
N GLY A 284 2.33 -8.98 -18.58
CA GLY A 284 2.44 -7.55 -18.32
C GLY A 284 3.90 -7.20 -18.18
N PHE A 285 4.22 -6.06 -17.58
CA PHE A 285 5.60 -5.67 -17.38
C PHE A 285 6.08 -5.80 -15.93
N VAL A 286 7.36 -6.16 -15.81
CA VAL A 286 8.07 -6.29 -14.54
C VAL A 286 8.89 -5.03 -14.30
N ILE A 287 8.66 -4.40 -13.15
CA ILE A 287 9.35 -3.18 -12.80
C ILE A 287 10.26 -3.41 -11.60
N SER A 288 11.42 -2.74 -11.60
CA SER A 288 12.30 -2.74 -10.43
C SER A 288 11.69 -1.94 -9.28
N ASP A 289 12.21 -2.15 -8.08
CA ASP A 289 11.98 -1.20 -7.00
C ASP A 289 12.99 -0.05 -7.17
N TRP A 290 12.88 0.91 -6.27
CA TRP A 290 13.58 2.19 -6.31
C TRP A 290 15.07 1.99 -6.06
N GLU A 291 15.89 2.23 -7.07
CA GLU A 291 17.33 1.88 -6.99
C GLU A 291 17.52 0.41 -6.66
N GLY A 292 16.53 -0.41 -7.01
CA GLY A 292 16.61 -1.83 -6.77
C GLY A 292 17.79 -2.50 -7.46
N ILE A 293 18.10 -2.08 -8.69
CA ILE A 293 19.22 -2.71 -9.41
C ILE A 293 20.56 -2.29 -8.78
N ASP A 294 20.64 -1.06 -8.30
CA ASP A 294 21.82 -0.56 -7.60
C ASP A 294 22.18 -1.43 -6.42
N ARG A 295 21.15 -1.88 -5.70
CA ARG A 295 21.31 -2.66 -4.47
C ARG A 295 21.59 -4.14 -4.69
N ILE A 296 21.75 -4.57 -5.93
CA ILE A 296 22.25 -5.92 -6.22
C ILE A 296 23.66 -6.10 -5.64
N THR A 297 24.47 -5.05 -5.75
CA THR A 297 25.85 -5.07 -5.30
C THR A 297 26.00 -4.57 -3.86
N THR A 298 27.15 -4.91 -3.28
CA THR A 298 27.54 -4.42 -1.98
C THR A 298 28.94 -3.82 -2.11
N PRO A 299 29.10 -2.51 -1.81
CA PRO A 299 28.01 -1.58 -1.50
C PRO A 299 27.06 -1.35 -2.69
N ALA A 300 25.92 -0.74 -2.40
CA ALA A 300 24.94 -0.43 -3.46
C ALA A 300 25.55 0.57 -4.39
N GLY A 301 25.29 0.41 -5.68
CA GLY A 301 25.73 1.37 -6.66
C GLY A 301 27.20 1.28 -7.05
N SER A 302 27.91 0.29 -6.54
CA SER A 302 29.34 0.20 -6.74
C SER A 302 29.75 -0.43 -8.09
N ASP A 303 28.80 -1.03 -8.80
CA ASP A 303 29.09 -1.50 -10.15
C ASP A 303 27.80 -1.44 -10.93
N TYR A 304 27.45 -0.22 -11.33
CA TYR A 304 26.16 0.02 -11.98
C TYR A 304 26.09 -0.68 -13.32
N SER A 305 27.24 -0.80 -13.99
CA SER A 305 27.30 -1.58 -15.21
C SER A 305 26.81 -2.99 -14.97
N TYR A 306 27.27 -3.62 -13.89
CA TYR A 306 26.80 -4.96 -13.52
C TYR A 306 25.32 -4.96 -13.12
N SER A 307 24.92 -3.98 -12.32
CA SER A 307 23.48 -3.85 -11.95
C SER A 307 22.56 -3.91 -13.17
N VAL A 308 22.90 -3.16 -14.21
CA VAL A 308 22.08 -3.08 -15.44
C VAL A 308 22.07 -4.42 -16.18
N LYS A 309 23.26 -5.00 -16.35
CA LYS A 309 23.38 -6.31 -17.01
C LYS A 309 22.60 -7.37 -16.27
N ALA A 310 22.85 -7.51 -14.98
CA ALA A 310 22.21 -8.58 -14.18
C ALA A 310 20.68 -8.49 -14.18
N SER A 311 20.18 -7.27 -14.00
CA SER A 311 18.74 -7.04 -13.88
C SER A 311 17.98 -7.25 -15.19
N ILE A 312 18.50 -6.69 -16.28
CA ILE A 312 17.84 -6.83 -17.57
C ILE A 312 17.95 -8.30 -18.04
N LEU A 313 19.10 -8.95 -17.81
CA LEU A 313 19.20 -10.37 -18.18
C LEU A 313 18.32 -11.24 -17.30
N ALA A 314 18.08 -10.83 -16.06
CA ALA A 314 17.19 -11.58 -15.18
C ALA A 314 15.76 -11.55 -15.68
N GLY A 315 15.42 -10.54 -16.50
CA GLY A 315 14.07 -10.41 -17.06
C GLY A 315 13.27 -9.19 -16.67
N LEU A 316 13.88 -8.24 -15.96
CA LEU A 316 13.18 -7.00 -15.60
C LEU A 316 12.94 -6.21 -16.86
N ASP A 317 11.80 -5.51 -16.94
CA ASP A 317 11.39 -4.81 -18.16
C ASP A 317 11.52 -3.31 -18.05
N MET A 318 11.09 -2.74 -16.92
CA MET A 318 11.20 -1.30 -16.70
C MET A 318 11.98 -1.05 -15.41
N ILE A 319 12.87 -0.08 -15.45
CA ILE A 319 13.71 0.21 -14.31
C ILE A 319 13.30 1.54 -13.68
N MET A 320 13.01 1.46 -12.39
CA MET A 320 12.72 2.62 -11.57
C MET A 320 14.06 3.20 -11.18
N VAL A 321 14.58 4.12 -11.99
CA VAL A 321 16.01 4.44 -11.92
C VAL A 321 16.40 4.97 -10.52
N PRO A 322 15.74 6.04 -10.02
CA PRO A 322 14.77 6.92 -10.66
C PRO A 322 15.39 8.25 -11.06
N ASN A 323 16.66 8.49 -10.69
CA ASN A 323 17.29 9.81 -10.88
C ASN A 323 18.31 9.85 -11.99
N LYS A 324 19.24 8.89 -11.96
CA LYS A 324 20.34 8.85 -12.93
C LYS A 324 20.03 8.19 -14.25
N TYR A 325 19.05 8.77 -14.95
CA TYR A 325 18.58 8.22 -16.23
C TYR A 325 19.68 8.26 -17.31
N GLN A 326 20.50 9.30 -17.34
CA GLN A 326 21.48 9.43 -18.41
C GLN A 326 22.46 8.23 -18.35
N GLN A 327 22.92 7.93 -17.14
CA GLN A 327 23.84 6.81 -16.90
C GLN A 327 23.19 5.45 -17.19
N PHE A 328 21.94 5.28 -16.76
CA PHE A 328 21.20 4.05 -17.02
C PHE A 328 21.09 3.84 -18.51
N ILE A 329 20.63 4.87 -19.23
CA ILE A 329 20.44 4.73 -20.67
C ILE A 329 21.78 4.49 -21.37
N SER A 330 22.82 5.21 -20.95
CA SER A 330 24.12 5.08 -21.57
C SER A 330 24.67 3.66 -21.44
N ILE A 331 24.59 3.11 -20.23
CA ILE A 331 25.12 1.77 -19.91
C ILE A 331 24.35 0.67 -20.62
N LEU A 332 23.01 0.77 -20.65
CA LEU A 332 22.21 -0.24 -21.30
C LEU A 332 22.44 -0.19 -22.81
N THR A 333 22.50 1.02 -23.38
CA THR A 333 22.85 1.17 -24.79
C THR A 333 24.19 0.50 -25.14
N GLY A 334 25.22 0.74 -24.32
CA GLY A 334 26.53 0.11 -24.48
C GLY A 334 26.50 -1.40 -24.43
N HIS A 335 25.73 -1.95 -23.49
CA HIS A 335 25.58 -3.41 -23.39
C HIS A 335 24.92 -4.00 -24.62
N VAL A 336 23.91 -3.32 -25.14
CA VAL A 336 23.25 -3.81 -26.33
C VAL A 336 24.24 -3.69 -27.51
N ASN A 337 24.92 -2.56 -27.60
CA ASN A 337 25.87 -2.30 -28.71
C ASN A 337 27.00 -3.32 -28.69
N GLY A 338 27.37 -3.81 -27.52
CA GLY A 338 28.44 -4.77 -27.39
C GLY A 338 28.01 -6.22 -27.34
N GLY A 339 26.72 -6.49 -27.57
CA GLY A 339 26.24 -7.87 -27.63
C GLY A 339 26.07 -8.57 -26.30
N VAL A 340 26.26 -7.83 -25.20
CA VAL A 340 26.13 -8.38 -23.88
C VAL A 340 24.67 -8.64 -23.52
N ILE A 341 23.79 -7.79 -24.03
CA ILE A 341 22.34 -7.95 -23.88
C ILE A 341 21.76 -8.01 -25.27
N PRO A 342 21.09 -9.12 -25.62
CA PRO A 342 20.57 -9.27 -26.97
C PRO A 342 19.32 -8.40 -27.24
N MET A 343 19.09 -8.08 -28.52
CA MET A 343 17.93 -7.29 -28.89
C MET A 343 16.63 -8.00 -28.57
N SER A 344 16.65 -9.32 -28.55
CA SER A 344 15.50 -10.10 -28.15
C SER A 344 15.01 -9.71 -26.75
N ARG A 345 15.94 -9.45 -25.84
CA ARG A 345 15.62 -9.06 -24.44
C ARG A 345 15.01 -7.66 -24.37
N ILE A 346 15.61 -6.72 -25.09
CA ILE A 346 15.06 -5.35 -25.21
C ILE A 346 13.65 -5.39 -25.80
N ASP A 347 13.49 -6.17 -26.86
CA ASP A 347 12.22 -6.22 -27.60
C ASP A 347 11.10 -6.83 -26.73
N ASP A 348 11.47 -7.80 -25.89
CA ASP A 348 10.52 -8.43 -24.96
C ASP A 348 10.06 -7.40 -23.91
N ALA A 349 11.01 -6.66 -23.36
CA ALA A 349 10.71 -5.66 -22.34
C ALA A 349 9.77 -4.60 -22.89
N VAL A 350 10.10 -4.08 -24.07
CA VAL A 350 9.27 -3.08 -24.75
C VAL A 350 7.90 -3.63 -25.17
N THR A 351 7.86 -4.88 -25.68
CA THR A 351 6.59 -5.51 -26.01
C THR A 351 5.66 -5.46 -24.78
N ARG A 352 6.18 -5.83 -23.63
CA ARG A 352 5.39 -5.88 -22.39
C ARG A 352 4.92 -4.48 -21.93
N ILE A 353 5.81 -3.49 -22.01
CA ILE A 353 5.48 -2.13 -21.59
C ILE A 353 4.38 -1.56 -22.50
N LEU A 354 4.59 -1.69 -23.81
CA LEU A 354 3.61 -1.27 -24.79
C LEU A 354 2.31 -2.03 -24.67
N ARG A 355 2.37 -3.35 -24.40
CA ARG A 355 1.14 -4.15 -24.20
C ARG A 355 0.27 -3.53 -23.10
N VAL A 356 0.89 -3.17 -21.98
CA VAL A 356 0.13 -2.62 -20.87
C VAL A 356 -0.50 -1.27 -21.25
N LYS A 357 0.31 -0.41 -21.88
CA LYS A 357 -0.13 0.92 -22.31
C LYS A 357 -1.27 0.88 -23.34
N PHE A 358 -1.14 0.04 -24.36
CA PHE A 358 -2.24 -0.14 -25.31
C PHE A 358 -3.49 -0.74 -24.66
N THR A 359 -3.31 -1.78 -23.88
CA THR A 359 -4.43 -2.45 -23.23
C THR A 359 -5.28 -1.52 -22.36
N MET A 360 -4.61 -0.65 -21.59
CA MET A 360 -5.30 0.20 -20.63
C MET A 360 -5.92 1.45 -21.24
N GLY A 361 -5.71 1.63 -22.53
CA GLY A 361 -6.29 2.75 -23.24
C GLY A 361 -5.44 4.01 -23.24
N LEU A 362 -4.18 3.89 -22.87
CA LEU A 362 -3.36 5.10 -22.68
C LEU A 362 -3.10 5.88 -23.96
N PHE A 363 -3.03 5.20 -25.13
CA PHE A 363 -2.88 5.91 -26.38
C PHE A 363 -4.16 6.63 -26.77
N GLU A 364 -5.31 6.19 -26.26
CA GLU A 364 -6.57 6.85 -26.59
C GLU A 364 -6.92 7.96 -25.62
N ASN A 365 -6.49 7.83 -24.37
CA ASN A 365 -6.71 8.87 -23.35
C ASN A 365 -5.40 9.16 -22.60
N PRO A 366 -4.46 9.84 -23.28
CA PRO A 366 -3.18 10.12 -22.63
C PRO A 366 -3.27 11.23 -21.57
N TYR A 367 -4.30 12.06 -21.67
CA TYR A 367 -4.43 13.23 -20.78
C TYR A 367 -5.48 13.06 -19.70
N ALA A 368 -5.35 13.86 -18.63
CA ALA A 368 -6.25 13.79 -17.50
C ALA A 368 -7.66 14.28 -17.86
N ASP A 369 -8.65 13.80 -17.11
CA ASP A 369 -10.02 14.29 -17.27
C ASP A 369 -10.38 15.28 -16.17
N PRO A 370 -10.54 16.56 -16.51
CA PRO A 370 -10.78 17.51 -15.44
C PRO A 370 -12.07 17.27 -14.64
N ALA A 371 -13.06 16.62 -15.24
CA ALA A 371 -14.29 16.27 -14.50
C ALA A 371 -14.05 15.22 -13.42
N MET A 372 -12.87 14.58 -13.43
CA MET A 372 -12.55 13.59 -12.39
C MET A 372 -11.97 14.22 -11.13
N ALA A 373 -11.58 15.50 -11.19
CA ALA A 373 -10.91 16.15 -10.05
C ALA A 373 -11.73 16.04 -8.79
N GLU A 374 -13.06 16.19 -8.93
CA GLU A 374 -13.99 16.17 -7.78
C GLU A 374 -14.16 14.81 -7.09
N GLN A 375 -13.60 13.74 -7.68
CA GLN A 375 -13.54 12.45 -6.99
C GLN A 375 -12.64 12.42 -5.76
N LEU A 376 -11.68 13.34 -5.68
CA LEU A 376 -10.75 13.40 -4.56
C LEU A 376 -11.49 13.70 -3.28
N GLY A 377 -11.30 12.84 -2.29
CA GLY A 377 -11.91 13.01 -1.00
C GLY A 377 -13.43 12.97 -0.98
N LYS A 378 -14.06 12.37 -1.99
CA LYS A 378 -15.53 12.33 -2.12
C LYS A 378 -16.15 11.68 -0.87
N GLN A 379 -17.19 12.28 -0.32
CA GLN A 379 -17.86 11.76 0.88
C GLN A 379 -18.27 10.29 0.73
N GLU A 380 -18.69 9.87 -0.45
CA GLU A 380 -19.04 8.46 -0.67
C GLU A 380 -17.84 7.54 -0.36
N HIS A 381 -16.64 8.01 -0.71
CA HIS A 381 -15.41 7.24 -0.46
C HIS A 381 -15.05 7.26 1.02
N ARG A 382 -15.22 8.42 1.67
CA ARG A 382 -15.01 8.51 3.11
C ARG A 382 -16.00 7.59 3.87
N ASP A 383 -17.24 7.51 3.41
CA ASP A 383 -18.20 6.59 4.03
C ASP A 383 -17.71 5.14 3.93
N LEU A 384 -17.11 4.78 2.79
CA LEU A 384 -16.55 3.45 2.58
C LEU A 384 -15.35 3.25 3.50
N ALA A 385 -14.47 4.24 3.62
CA ALA A 385 -13.32 4.15 4.52
C ALA A 385 -13.76 3.97 5.96
N ARG A 386 -14.83 4.66 6.32
CA ARG A 386 -15.38 4.59 7.68
C ARG A 386 -15.94 3.20 8.00
N GLU A 387 -16.64 2.60 7.04
CA GLU A 387 -17.09 1.20 7.10
C GLU A 387 -15.88 0.29 7.30
N ALA A 388 -14.84 0.47 6.49
CA ALA A 388 -13.64 -0.39 6.56
C ALA A 388 -12.91 -0.24 7.90
N ALA A 389 -12.81 0.99 8.40
CA ALA A 389 -12.14 1.22 9.66
C ALA A 389 -12.88 0.48 10.77
N ARG A 390 -14.20 0.64 10.82
CA ARG A 390 -15.04 -0.04 11.82
C ARG A 390 -14.91 -1.57 11.73
N LYS A 391 -14.93 -2.11 10.53
CA LYS A 391 -14.81 -3.56 10.35
C LYS A 391 -13.43 -4.11 10.71
N SER A 392 -12.41 -3.25 10.64
CA SER A 392 -10.99 -3.64 10.90
C SER A 392 -10.69 -3.79 12.38
N LEU A 393 -11.51 -3.18 13.22
CA LEU A 393 -11.23 -3.12 14.67
C LEU A 393 -11.36 -4.50 15.31
N VAL A 394 -10.38 -4.90 16.11
CA VAL A 394 -10.47 -6.20 16.82
C VAL A 394 -10.56 -5.94 18.31
N LEU A 395 -11.68 -6.37 18.90
CA LEU A 395 -11.91 -6.20 20.31
C LEU A 395 -11.18 -7.32 21.03
N LEU A 396 -10.20 -6.94 21.86
CA LEU A 396 -9.38 -7.92 22.56
C LEU A 396 -9.86 -8.19 23.98
N LYS A 397 -10.49 -7.21 24.59
CA LYS A 397 -10.96 -7.34 25.97
C LYS A 397 -12.16 -6.41 26.13
N ASN A 398 -13.18 -6.86 26.84
CA ASN A 398 -14.36 -6.04 27.14
C ASN A 398 -14.86 -6.35 28.55
N GLY A 399 -14.06 -6.00 29.57
CA GLY A 399 -14.32 -6.29 30.98
C GLY A 399 -13.15 -6.99 31.66
N LYS A 400 -12.76 -6.54 32.86
CA LYS A 400 -11.61 -7.12 33.59
C LYS A 400 -11.86 -8.50 34.18
N THR A 401 -13.12 -8.79 34.48
CA THR A 401 -13.48 -10.09 34.97
C THR A 401 -14.68 -10.53 34.17
N SER A 402 -14.89 -11.82 34.15
CA SER A 402 -16.02 -12.40 33.48
C SER A 402 -17.36 -11.96 34.08
N THR A 403 -17.33 -11.37 35.27
CA THR A 403 -18.53 -10.97 35.97
C THR A 403 -18.85 -9.43 35.91
N ASP A 404 -17.89 -8.66 35.44
CA ASP A 404 -18.09 -7.22 35.23
C ASP A 404 -19.13 -6.94 34.14
N ALA A 405 -19.81 -5.81 34.27
CA ALA A 405 -20.62 -5.32 33.19
C ALA A 405 -19.69 -5.05 31.98
N PRO A 406 -20.10 -5.46 30.78
CA PRO A 406 -19.26 -5.12 29.63
C PRO A 406 -19.19 -3.59 29.42
N LEU A 407 -17.99 -3.04 29.27
CA LEU A 407 -17.86 -1.59 29.06
C LEU A 407 -18.42 -1.11 27.72
N LEU A 408 -18.13 -1.86 26.66
CA LEU A 408 -18.58 -1.52 25.32
C LEU A 408 -19.82 -2.36 24.96
N PRO A 409 -20.79 -1.73 24.31
CA PRO A 409 -20.77 -0.34 23.86
C PRO A 409 -21.02 0.70 24.94
N LEU A 410 -20.37 1.85 24.78
CA LEU A 410 -20.54 2.97 25.70
C LEU A 410 -21.83 3.75 25.38
N PRO A 411 -22.46 4.37 26.40
CA PRO A 411 -23.62 5.24 26.16
C PRO A 411 -23.21 6.58 25.54
N LYS A 412 -23.96 7.03 24.56
CA LYS A 412 -23.71 8.37 23.95
C LYS A 412 -24.12 9.55 24.86
N LYS A 413 -24.96 9.26 25.83
CA LYS A 413 -25.39 10.27 26.79
C LYS A 413 -24.79 9.99 28.16
N ALA A 414 -23.99 10.93 28.63
CA ALA A 414 -23.39 10.89 29.95
C ALA A 414 -23.05 12.33 30.34
N PRO A 415 -22.97 12.64 31.66
CA PRO A 415 -22.77 14.07 31.95
C PRO A 415 -21.43 14.61 31.47
N LYS A 416 -20.38 13.82 31.63
CA LYS A 416 -19.05 14.27 31.32
C LYS A 416 -18.18 13.04 31.03
N ILE A 417 -17.43 13.08 29.92
CA ILE A 417 -16.53 12.00 29.54
C ILE A 417 -15.14 12.53 29.23
N LEU A 418 -14.14 11.66 29.33
CA LEU A 418 -12.76 12.01 29.05
C LEU A 418 -12.25 11.29 27.79
N VAL A 419 -11.63 12.06 26.90
CA VAL A 419 -10.90 11.54 25.75
C VAL A 419 -9.44 11.91 26.00
N ALA A 420 -8.56 10.92 25.99
CA ALA A 420 -7.16 11.15 26.34
C ALA A 420 -6.23 10.36 25.45
N GLY A 421 -4.95 10.70 25.54
CA GLY A 421 -3.88 9.98 24.89
C GLY A 421 -3.26 10.71 23.72
N SER A 422 -1.98 10.40 23.44
CA SER A 422 -1.24 10.91 22.31
C SER A 422 -1.88 10.63 20.93
N HIS A 423 -2.75 9.63 20.83
CA HIS A 423 -3.35 9.26 19.55
C HIS A 423 -4.85 9.60 19.47
N ALA A 424 -5.40 10.28 20.48
CA ALA A 424 -6.82 10.64 20.48
C ALA A 424 -7.17 11.76 19.50
N ASP A 425 -6.23 12.67 19.25
CA ASP A 425 -6.46 13.82 18.40
C ASP A 425 -5.22 14.08 17.55
N ASN A 426 -4.85 13.10 16.74
CA ASN A 426 -3.68 13.22 15.89
C ASN A 426 -3.94 12.41 14.62
N LEU A 427 -4.33 13.14 13.58
CA LEU A 427 -4.73 12.52 12.31
C LEU A 427 -3.56 11.78 11.68
N GLY A 428 -2.39 12.38 11.67
CA GLY A 428 -1.21 11.70 11.09
C GLY A 428 -0.90 10.36 11.76
N TYR A 429 -1.00 10.33 13.09
CA TYR A 429 -0.77 9.08 13.83
C TYR A 429 -1.81 8.03 13.49
N GLN A 430 -3.07 8.43 13.32
CA GLN A 430 -4.08 7.39 13.02
C GLN A 430 -4.00 6.89 11.57
N CYS A 431 -3.34 7.63 10.70
CA CYS A 431 -3.11 7.21 9.32
C CYS A 431 -1.82 6.38 9.17
N GLY A 432 -0.81 6.67 10.00
CA GLY A 432 0.47 5.94 9.92
C GLY A 432 1.24 6.26 8.65
N GLY A 433 2.15 5.38 8.27
CA GLY A 433 3.07 5.62 7.17
C GLY A 433 2.35 5.73 5.83
N TRP A 434 3.09 6.14 4.81
CA TRP A 434 2.53 6.35 3.47
C TRP A 434 1.28 7.23 3.53
N THR A 435 1.41 8.34 4.23
CA THR A 435 0.35 9.33 4.28
C THR A 435 1.05 10.70 4.23
N ILE A 436 0.90 11.37 3.10
CA ILE A 436 1.50 12.67 2.77
C ILE A 436 3.03 12.55 2.55
N GLU A 437 3.75 11.93 3.48
CA GLU A 437 5.13 11.50 3.29
C GLU A 437 5.24 10.01 3.35
N ALA A 438 6.37 9.43 2.90
CA ALA A 438 6.55 7.99 3.04
C ALA A 438 6.51 7.50 4.48
N GLN A 439 7.19 8.23 5.35
CA GLN A 439 7.24 7.89 6.76
C GLN A 439 5.99 8.31 7.52
N GLY A 440 4.99 8.86 6.81
CA GLY A 440 3.89 9.58 7.49
C GLY A 440 4.40 10.79 8.24
N ASP A 441 3.57 11.29 9.17
CA ASP A 441 3.84 12.54 9.88
C ASP A 441 2.85 12.67 11.04
N THR A 442 3.04 13.72 11.83
CA THR A 442 2.25 13.99 13.03
C THR A 442 1.31 15.16 12.80
N GLY A 443 0.10 15.05 13.34
CA GLY A 443 -0.82 16.19 13.43
C GLY A 443 -1.80 16.24 12.26
N ARG A 444 -2.26 17.44 11.94
CA ARG A 444 -3.35 17.58 10.98
C ARG A 444 -2.77 17.72 9.57
N THR A 445 -2.34 16.61 9.00
CA THR A 445 -1.59 16.59 7.76
C THR A 445 -2.45 16.54 6.49
N THR A 446 -3.72 16.25 6.66
CA THR A 446 -4.66 16.15 5.56
C THR A 446 -6.08 16.36 6.09
N VAL A 447 -7.08 16.05 5.29
CA VAL A 447 -8.46 16.25 5.68
C VAL A 447 -9.00 14.95 6.30
N GLY A 448 -9.57 15.03 7.50
CA GLY A 448 -10.12 13.85 8.13
C GLY A 448 -10.77 14.17 9.48
N THR A 449 -11.06 13.10 10.21
CA THR A 449 -11.71 13.19 11.53
C THR A 449 -10.90 12.38 12.54
N THR A 450 -10.37 13.04 13.57
CA THR A 450 -9.61 12.35 14.61
C THR A 450 -10.59 11.61 15.53
N ILE A 451 -10.06 10.83 16.46
CA ILE A 451 -10.91 10.10 17.40
C ILE A 451 -11.69 11.08 18.27
N LEU A 452 -11.01 12.13 18.74
CA LEU A 452 -11.67 13.15 19.55
C LEU A 452 -12.83 13.81 18.79
N GLU A 453 -12.56 14.24 17.56
CA GLU A 453 -13.59 14.82 16.67
C GLU A 453 -14.74 13.89 16.45
N ALA A 454 -14.44 12.61 16.28
CA ALA A 454 -15.47 11.59 16.09
C ALA A 454 -16.34 11.42 17.36
N VAL A 455 -15.71 11.44 18.52
CA VAL A 455 -16.46 11.37 19.77
C VAL A 455 -17.42 12.55 19.90
N LYS A 456 -16.91 13.75 19.65
CA LYS A 456 -17.74 14.93 19.73
C LYS A 456 -18.91 14.90 18.73
N ALA A 457 -18.68 14.31 17.55
CA ALA A 457 -19.73 14.18 16.53
C ALA A 457 -20.77 13.15 16.89
N ALA A 458 -20.41 12.20 17.76
CA ALA A 458 -21.27 11.05 18.09
C ALA A 458 -22.17 11.24 19.29
N VAL A 459 -21.67 11.93 20.31
CA VAL A 459 -22.34 11.95 21.61
C VAL A 459 -23.57 12.89 21.65
N ASP A 460 -24.44 12.62 22.61
CA ASP A 460 -25.64 13.41 22.86
C ASP A 460 -25.19 14.85 23.12
N PRO A 461 -26.01 15.83 22.74
CA PRO A 461 -25.64 17.22 22.97
C PRO A 461 -25.39 17.58 24.43
N SER A 462 -26.02 16.87 25.35
CA SER A 462 -25.83 17.12 26.78
C SER A 462 -24.50 16.55 27.31
N THR A 463 -23.83 15.72 26.53
CA THR A 463 -22.60 15.10 27.00
C THR A 463 -21.43 16.05 26.87
N VAL A 464 -20.77 16.36 27.98
CA VAL A 464 -19.61 17.23 27.94
C VAL A 464 -18.38 16.37 27.66
N VAL A 465 -17.60 16.74 26.63
CA VAL A 465 -16.40 15.97 26.26
C VAL A 465 -15.16 16.77 26.66
N VAL A 466 -14.33 16.20 27.51
CA VAL A 466 -13.07 16.83 27.89
C VAL A 466 -11.92 16.09 27.22
N PHE A 467 -11.03 16.85 26.59
CA PHE A 467 -9.78 16.29 26.06
C PHE A 467 -8.61 16.66 26.95
N ALA A 468 -7.78 15.68 27.27
CA ALA A 468 -6.49 15.91 27.88
C ALA A 468 -5.52 14.88 27.32
N GLU A 469 -4.42 15.35 26.73
CA GLU A 469 -3.54 14.43 26.03
C GLU A 469 -2.87 13.42 26.97
N ASN A 470 -2.36 13.91 28.11
CA ASN A 470 -1.66 13.08 29.08
C ASN A 470 -2.00 13.51 30.51
N PRO A 471 -3.25 13.30 30.92
CA PRO A 471 -3.67 13.71 32.28
C PRO A 471 -3.01 12.87 33.36
N ASP A 472 -2.78 13.45 34.54
CA ASP A 472 -2.32 12.65 35.68
C ASP A 472 -3.50 12.01 36.43
N ALA A 473 -3.19 11.12 37.36
CA ALA A 473 -4.21 10.31 38.02
C ALA A 473 -5.21 11.21 38.77
N GLU A 474 -4.70 12.29 39.35
CA GLU A 474 -5.55 13.20 40.13
C GLU A 474 -6.56 13.93 39.26
N PHE A 475 -6.11 14.41 38.11
CA PHE A 475 -7.00 15.04 37.16
C PHE A 475 -8.17 14.12 36.83
N VAL A 476 -7.88 12.86 36.57
CA VAL A 476 -8.93 11.92 36.21
C VAL A 476 -9.86 11.64 37.40
N LYS A 477 -9.29 11.40 38.58
CA LYS A 477 -10.11 11.13 39.79
C LYS A 477 -11.04 12.28 40.19
N SER A 478 -10.59 13.49 39.91
CA SER A 478 -11.28 14.72 40.30
C SER A 478 -12.29 15.20 39.26
N GLY A 479 -12.28 14.59 38.08
CA GLY A 479 -12.99 15.15 36.95
C GLY A 479 -14.47 14.87 36.83
N GLY A 480 -15.01 13.97 37.63
CA GLY A 480 -16.41 13.61 37.51
C GLY A 480 -16.79 12.96 36.18
N PHE A 481 -15.88 12.14 35.65
CA PHE A 481 -16.07 11.49 34.35
C PHE A 481 -16.90 10.20 34.47
N SER A 482 -17.77 9.93 33.51
CA SER A 482 -18.50 8.66 33.47
C SER A 482 -17.64 7.50 32.98
N TYR A 483 -16.76 7.81 32.04
CA TYR A 483 -15.82 6.84 31.46
C TYR A 483 -14.77 7.59 30.66
N ALA A 484 -13.74 6.90 30.19
CA ALA A 484 -12.72 7.51 29.33
C ALA A 484 -12.48 6.67 28.12
N ILE A 485 -12.14 7.35 27.02
CA ILE A 485 -11.62 6.72 25.82
C ILE A 485 -10.19 7.21 25.71
N VAL A 486 -9.26 6.26 25.73
CA VAL A 486 -7.82 6.61 25.71
C VAL A 486 -7.13 5.91 24.55
N ALA A 487 -6.44 6.70 23.74
CA ALA A 487 -5.83 6.22 22.50
C ALA A 487 -4.35 6.46 22.48
N VAL A 488 -3.61 5.39 22.26
CA VAL A 488 -2.15 5.39 22.31
C VAL A 488 -1.63 4.43 21.26
N GLY A 489 -0.32 4.45 21.04
CA GLY A 489 0.26 3.47 20.14
C GLY A 489 1.54 3.89 19.44
N GLU A 490 1.77 3.30 18.27
CA GLU A 490 2.97 3.54 17.48
C GLU A 490 2.92 4.85 16.74
N HIS A 491 4.11 5.39 16.50
CA HIS A 491 4.26 6.54 15.63
C HIS A 491 4.33 6.06 14.20
N PRO A 492 4.11 6.95 13.23
CA PRO A 492 4.14 6.50 11.82
C PRO A 492 5.54 6.09 11.39
N TYR A 493 5.61 5.08 10.53
CA TYR A 493 6.87 4.62 9.95
C TYR A 493 6.63 3.88 8.65
N THR A 494 7.71 3.73 7.87
CA THR A 494 7.79 2.73 6.82
C THR A 494 9.17 2.14 6.73
N GLU A 495 9.23 1.02 6.01
CA GLU A 495 10.48 0.40 5.59
C GLU A 495 11.40 0.26 6.76
N THR A 496 12.68 0.52 6.56
CA THR A 496 13.69 0.14 7.52
C THR A 496 13.57 0.92 8.82
N LYS A 497 13.11 2.17 8.74
CA LYS A 497 12.86 2.94 9.97
C LYS A 497 11.82 2.26 10.87
N GLY A 498 10.95 1.45 10.28
CA GLY A 498 9.94 0.74 11.06
C GLY A 498 10.40 -0.60 11.61
N ASP A 499 11.54 -1.09 11.14
CA ASP A 499 12.07 -2.36 11.65
C ASP A 499 12.29 -2.11 13.14
N ASN A 500 11.85 -3.03 13.98
CA ASN A 500 11.81 -2.80 15.42
C ASN A 500 11.87 -4.13 16.14
N LEU A 501 12.94 -4.33 16.90
CA LEU A 501 13.20 -5.59 17.59
C LEU A 501 12.47 -5.73 18.93
N ASN A 502 11.97 -4.65 19.51
CA ASN A 502 11.31 -4.74 20.82
C ASN A 502 9.80 -4.57 20.83
N LEU A 503 9.26 -3.90 19.82
CA LEU A 503 7.80 -3.80 19.66
C LEU A 503 7.05 -3.38 20.92
N THR A 504 7.58 -2.38 21.62
CA THR A 504 6.93 -1.77 22.76
C THR A 504 6.58 -0.35 22.35
N ILE A 505 5.38 0.11 22.68
CA ILE A 505 4.95 1.41 22.19
C ILE A 505 5.69 2.51 22.93
N PRO A 506 5.87 3.67 22.27
CA PRO A 506 6.55 4.79 22.93
C PRO A 506 5.78 5.33 24.10
N GLU A 507 6.52 5.83 25.07
CA GLU A 507 5.92 6.56 26.17
C GLU A 507 5.83 8.02 25.82
N PRO A 508 4.86 8.74 26.41
CA PRO A 508 3.89 8.26 27.33
C PRO A 508 2.77 7.60 26.51
N GLY A 509 2.39 6.43 26.93
CA GLY A 509 1.37 5.65 26.27
C GLY A 509 0.76 4.82 27.37
N LEU A 510 1.53 3.83 27.81
CA LEU A 510 1.18 3.01 28.95
C LEU A 510 0.94 3.84 30.19
N SER A 511 1.80 4.81 30.48
CA SER A 511 1.61 5.60 31.69
C SER A 511 0.29 6.39 31.69
N THR A 512 -0.10 6.91 30.53
CA THR A 512 -1.38 7.60 30.40
C THR A 512 -2.58 6.63 30.58
N VAL A 513 -2.51 5.46 29.95
CA VAL A 513 -3.53 4.42 30.13
C VAL A 513 -3.65 4.09 31.63
N GLN A 514 -2.52 3.88 32.30
CA GLN A 514 -2.56 3.55 33.73
C GLN A 514 -3.17 4.65 34.57
N ALA A 515 -2.83 5.89 34.26
CA ALA A 515 -3.40 7.03 35.00
C ALA A 515 -4.90 7.21 34.77
N VAL A 516 -5.33 7.06 33.52
CA VAL A 516 -6.74 7.18 33.19
C VAL A 516 -7.56 6.03 33.76
N CYS A 517 -7.16 4.81 33.46
CA CYS A 517 -7.92 3.64 33.86
C CYS A 517 -7.93 3.44 35.39
N GLY A 518 -6.90 3.94 36.05
CA GLY A 518 -6.83 3.90 37.51
C GLY A 518 -7.89 4.76 38.16
N GLY A 519 -8.40 5.76 37.45
CA GLY A 519 -9.40 6.68 38.00
C GLY A 519 -10.84 6.52 37.52
N VAL A 520 -11.03 5.94 36.35
CA VAL A 520 -12.35 5.79 35.77
C VAL A 520 -12.34 4.62 34.78
N ARG A 521 -13.50 3.99 34.59
CA ARG A 521 -13.64 2.93 33.60
C ARG A 521 -13.16 3.46 32.24
N CYS A 522 -12.38 2.65 31.54
CA CYS A 522 -11.69 3.09 30.30
C CYS A 522 -11.73 2.08 29.16
N ALA A 523 -11.87 2.60 27.95
CA ALA A 523 -11.71 1.84 26.73
C ALA A 523 -10.44 2.36 26.04
N THR A 524 -9.45 1.49 25.92
CA THR A 524 -8.18 1.83 25.33
C THR A 524 -8.22 1.47 23.86
N VAL A 525 -7.87 2.43 23.02
CA VAL A 525 -7.81 2.22 21.58
C VAL A 525 -6.32 2.23 21.23
N LEU A 526 -5.82 1.06 20.81
CA LEU A 526 -4.43 0.90 20.46
C LEU A 526 -4.25 1.08 18.95
N ILE A 527 -3.48 2.09 18.56
CA ILE A 527 -3.18 2.39 17.15
C ILE A 527 -1.80 1.81 16.88
N SER A 528 -1.72 0.84 15.96
CA SER A 528 -0.42 0.20 15.65
C SER A 528 -0.44 -0.40 14.26
N GLY A 529 0.75 -0.68 13.70
CA GLY A 529 0.85 -1.33 12.38
C GLY A 529 0.92 -2.87 12.47
N ARG A 530 0.80 -3.38 13.69
CA ARG A 530 1.18 -4.73 14.03
C ARG A 530 0.91 -4.99 15.51
N PRO A 531 0.93 -6.27 15.88
CA PRO A 531 0.95 -6.58 17.31
C PRO A 531 2.18 -5.98 17.96
N VAL A 532 1.96 -5.48 19.17
CA VAL A 532 2.97 -4.91 20.02
C VAL A 532 2.76 -5.47 21.43
N VAL A 533 3.77 -5.37 22.28
CA VAL A 533 3.67 -5.85 23.64
C VAL A 533 2.43 -5.21 24.28
N VAL A 534 1.49 -6.03 24.74
CA VAL A 534 0.18 -5.54 25.11
C VAL A 534 -0.30 -5.97 26.50
N GLN A 535 0.38 -6.90 27.16
CA GLN A 535 -0.11 -7.33 28.49
C GLN A 535 -0.26 -6.18 29.48
N PRO A 536 0.73 -5.28 29.55
CA PRO A 536 0.54 -4.16 30.50
C PRO A 536 -0.64 -3.25 30.18
N LEU A 537 -0.85 -2.92 28.91
CA LEU A 537 -2.05 -2.17 28.49
C LEU A 537 -3.34 -2.90 28.84
N LEU A 538 -3.35 -4.21 28.57
CA LEU A 538 -4.52 -5.04 28.92
C LEU A 538 -4.83 -5.03 30.43
N ALA A 539 -3.79 -5.17 31.24
CA ALA A 539 -3.98 -5.25 32.69
C ALA A 539 -4.62 -4.00 33.24
N ALA A 540 -4.30 -2.83 32.69
CA ALA A 540 -4.86 -1.59 33.18
C ALA A 540 -6.31 -1.33 32.72
N SER A 541 -6.68 -1.89 31.57
CA SER A 541 -7.86 -1.47 30.80
C SER A 541 -9.10 -2.32 31.07
N ASP A 542 -10.25 -1.69 31.15
CA ASP A 542 -11.52 -2.41 31.15
C ASP A 542 -11.80 -3.02 29.78
N ALA A 543 -11.69 -2.21 28.73
CA ALA A 543 -11.77 -2.71 27.37
C ALA A 543 -10.55 -2.26 26.56
N LEU A 544 -10.20 -3.05 25.57
CA LEU A 544 -9.11 -2.72 24.67
C LEU A 544 -9.39 -3.18 23.24
N VAL A 545 -9.16 -2.26 22.30
CA VAL A 545 -9.40 -2.46 20.89
C VAL A 545 -8.11 -2.29 20.13
N ALA A 546 -7.79 -3.25 19.27
CA ALA A 546 -6.72 -3.13 18.28
C ALA A 546 -7.32 -2.49 17.04
N ALA A 547 -7.04 -1.20 16.85
CA ALA A 547 -7.61 -0.43 15.77
C ALA A 547 -6.67 -0.34 14.56
N TRP A 548 -5.47 -0.91 14.67
CA TRP A 548 -4.46 -0.88 13.61
C TRP A 548 -4.16 0.58 13.19
N LEU A 549 -4.16 0.89 11.88
CA LEU A 549 -3.91 2.24 11.35
C LEU A 549 -5.13 2.59 10.49
N PRO A 550 -6.18 3.09 11.11
CA PRO A 550 -7.50 3.11 10.46
C PRO A 550 -7.73 4.19 9.43
N GLY A 551 -6.85 5.17 9.33
CA GLY A 551 -6.93 6.15 8.24
C GLY A 551 -7.60 7.45 8.63
N SER A 552 -8.15 8.15 7.63
CA SER A 552 -8.69 9.49 7.84
C SER A 552 -10.03 9.53 8.58
N GLU A 553 -10.78 8.44 8.54
CA GLU A 553 -12.16 8.43 9.02
C GLU A 553 -12.32 7.87 10.42
N GLY A 554 -11.99 8.70 11.40
CA GLY A 554 -12.00 8.25 12.78
C GLY A 554 -13.38 7.86 13.30
N GLN A 555 -14.46 8.30 12.65
CA GLN A 555 -15.80 7.87 13.04
C GLN A 555 -16.01 6.36 12.91
N GLY A 556 -15.18 5.68 12.12
CA GLY A 556 -15.16 4.22 12.13
C GLY A 556 -14.90 3.64 13.52
N VAL A 557 -14.02 4.28 14.27
CA VAL A 557 -13.71 3.85 15.61
C VAL A 557 -14.93 4.03 16.53
N THR A 558 -15.52 5.22 16.50
CA THR A 558 -16.64 5.53 17.40
C THR A 558 -17.90 4.81 17.00
N ASP A 559 -18.06 4.48 15.71
CA ASP A 559 -19.22 3.66 15.28
C ASP A 559 -19.32 2.35 16.08
N ALA A 560 -18.18 1.75 16.39
CA ALA A 560 -18.14 0.55 17.19
C ALA A 560 -18.14 0.84 18.71
N LEU A 561 -17.42 1.85 19.16
CA LEU A 561 -17.36 2.18 20.59
C LEU A 561 -18.74 2.49 21.19
N PHE A 562 -19.59 3.19 20.44
CA PHE A 562 -20.89 3.61 20.90
C PHE A 562 -22.01 2.68 20.42
N GLY A 563 -21.64 1.57 19.79
CA GLY A 563 -22.65 0.53 19.51
C GLY A 563 -23.54 0.74 18.29
N ASP A 564 -23.21 1.67 17.41
CA ASP A 564 -23.94 1.79 16.15
C ASP A 564 -23.79 0.53 15.34
N PHE A 565 -22.63 -0.10 15.45
CA PHE A 565 -22.40 -1.42 14.87
C PHE A 565 -21.72 -2.28 15.90
N GLY A 566 -21.83 -3.60 15.75
CA GLY A 566 -21.08 -4.52 16.61
C GLY A 566 -19.64 -4.68 16.14
N PHE A 567 -18.76 -5.04 17.06
CA PHE A 567 -17.38 -5.40 16.70
C PHE A 567 -17.42 -6.73 15.98
N THR A 568 -16.71 -6.81 14.86
CA THR A 568 -16.66 -8.06 14.06
C THR A 568 -15.25 -8.48 13.62
N GLY A 569 -14.27 -7.58 13.77
CA GLY A 569 -12.90 -7.87 13.28
C GLY A 569 -12.29 -9.07 14.01
N ARG A 570 -11.46 -9.82 13.29
CA ARG A 570 -10.73 -10.98 13.83
C ARG A 570 -9.24 -10.84 13.50
N LEU A 571 -8.36 -11.11 14.47
CA LEU A 571 -6.94 -10.97 14.23
C LEU A 571 -6.50 -11.64 12.93
N PRO A 572 -5.82 -10.89 12.06
CA PRO A 572 -5.24 -11.47 10.84
C PRO A 572 -3.81 -11.95 11.06
N ARG A 573 -3.33 -11.84 12.30
CA ARG A 573 -1.95 -12.12 12.67
C ARG A 573 -2.00 -12.72 14.06
N THR A 574 -0.98 -13.49 14.39
CA THR A 574 -0.77 -13.97 15.73
C THR A 574 -0.35 -12.82 16.65
N TRP A 575 -0.93 -12.74 17.84
CA TRP A 575 -0.44 -11.83 18.85
C TRP A 575 0.45 -12.59 19.81
N PHE A 576 1.73 -12.26 19.76
CA PHE A 576 2.76 -12.91 20.56
C PHE A 576 2.69 -12.52 22.03
N LYS A 577 3.23 -13.40 22.88
CA LYS A 577 3.39 -13.08 24.28
C LYS A 577 4.64 -12.23 24.49
N SER A 578 5.69 -12.51 23.72
CA SER A 578 6.99 -11.91 23.89
C SER A 578 7.71 -11.92 22.55
N VAL A 579 8.53 -10.90 22.29
CA VAL A 579 9.27 -10.85 21.03
C VAL A 579 10.32 -11.97 20.93
N ASP A 580 10.73 -12.50 22.07
CA ASP A 580 11.59 -13.70 22.13
C ASP A 580 11.01 -14.91 21.42
N GLN A 581 9.70 -14.98 21.29
CA GLN A 581 9.07 -16.07 20.57
C GLN A 581 9.21 -15.98 19.06
N LEU A 582 9.49 -14.77 18.56
CA LEU A 582 9.39 -14.53 17.13
C LEU A 582 10.56 -15.16 16.33
N PRO A 583 10.29 -15.66 15.12
CA PRO A 583 8.98 -15.65 14.47
C PRO A 583 8.06 -16.72 15.00
N MET A 584 6.76 -16.44 15.06
CA MET A 584 5.79 -17.41 15.53
C MET A 584 4.47 -17.21 14.79
N ASN A 585 4.12 -18.16 13.94
CA ASN A 585 2.92 -18.05 13.08
C ASN A 585 1.99 -19.24 13.27
N VAL A 586 0.70 -19.03 13.01
CA VAL A 586 -0.29 -20.11 13.07
C VAL A 586 0.22 -21.31 12.29
N GLY A 587 0.06 -22.49 12.89
CA GLY A 587 0.51 -23.72 12.26
C GLY A 587 1.89 -24.16 12.67
N ASP A 588 2.65 -23.29 13.36
CA ASP A 588 4.00 -23.66 13.83
C ASP A 588 3.89 -24.75 14.87
N ALA A 589 5.02 -25.42 15.12
CA ALA A 589 5.08 -26.45 16.15
C ALA A 589 4.90 -25.90 17.57
N HIS A 590 5.64 -24.85 17.95
CA HIS A 590 5.63 -24.36 19.34
C HIS A 590 4.58 -23.24 19.63
N TYR A 591 3.50 -23.18 18.85
CA TYR A 591 2.57 -22.05 18.85
C TYR A 591 1.99 -21.74 20.24
N ASP A 592 2.47 -20.65 20.86
CA ASP A 592 2.06 -20.23 22.20
C ASP A 592 1.67 -18.73 22.21
N PRO A 593 0.56 -18.40 21.54
CA PRO A 593 0.18 -16.99 21.37
C PRO A 593 -0.48 -16.43 22.59
N LEU A 594 -0.40 -15.11 22.75
CA LEU A 594 -1.29 -14.43 23.69
C LEU A 594 -2.73 -14.47 23.13
N PHE A 595 -2.87 -14.15 21.85
CA PHE A 595 -4.12 -14.29 21.11
C PHE A 595 -3.80 -14.91 19.76
N ARG A 596 -4.49 -16.01 19.45
CA ARG A 596 -4.30 -16.73 18.19
C ARG A 596 -4.88 -15.97 17.00
N LEU A 597 -4.33 -16.23 15.82
CA LEU A 597 -4.92 -15.71 14.60
C LEU A 597 -6.38 -16.12 14.56
N GLY A 598 -7.26 -15.18 14.20
CA GLY A 598 -8.69 -15.41 14.20
C GLY A 598 -9.44 -14.97 15.45
N TYR A 599 -8.73 -14.67 16.53
CA TYR A 599 -9.35 -14.22 17.76
C TYR A 599 -10.02 -12.87 17.61
N GLY A 600 -11.21 -12.71 18.17
CA GLY A 600 -11.80 -11.37 18.29
C GLY A 600 -13.11 -11.48 19.03
N LEU A 601 -13.28 -10.69 20.08
CA LEU A 601 -14.56 -10.62 20.77
C LEU A 601 -15.56 -9.85 19.91
N THR A 602 -16.83 -10.03 20.21
CA THR A 602 -17.87 -9.37 19.47
C THR A 602 -18.77 -8.57 20.40
N THR A 603 -19.54 -7.66 19.83
CA THR A 603 -20.61 -7.00 20.54
C THR A 603 -21.78 -6.98 19.60
N ASN A 604 -22.93 -6.68 20.14
CA ASN A 604 -24.12 -6.41 19.32
C ASN A 604 -24.42 -4.92 19.24
N ALA A 605 -24.94 -4.48 18.11
CA ALA A 605 -25.34 -3.09 17.94
C ALA A 605 -26.44 -2.70 18.95
N THR A 606 -26.40 -1.44 19.40
CA THR A 606 -27.51 -0.77 20.11
C THR A 606 -28.51 -0.19 19.12
S6 U1Y B . 11.21 2.49 -1.11
C1 U1Y B . 11.62 7.18 -2.00
O1 U1Y B . 10.92 8.14 -2.80
C7 U1Y B . 10.56 9.41 -2.20
O5 U1Y B . 10.71 6.21 -1.49
C5 U1Y B . 11.44 5.04 -1.12
C4 U1Y B . 12.54 5.29 -0.08
O4 U1Y B . 13.55 4.30 -0.29
C3 U1Y B . 13.19 6.65 -0.13
O3 U1Y B . 13.40 6.97 1.24
C2 U1Y B . 12.32 7.73 -0.77
O2 U1Y B . 13.12 8.87 -1.12
C6 U1Y B . 10.49 3.98 -0.58
C2 BGC B . 9.28 0.83 -1.96
C3 BGC B . 8.16 0.50 -2.95
C4 BGC B . 7.65 1.79 -3.61
C5 BGC B . 8.83 2.59 -4.19
C6 BGC B . 8.48 3.88 -4.92
C1 BGC B . 10.33 1.83 -2.49
O2 BGC B . 9.96 -0.38 -1.55
O3 BGC B . 7.08 -0.26 -2.34
O4 BGC B . 6.68 1.46 -4.61
O5 BGC B . 9.71 2.93 -3.14
O6 BGC B . 7.85 4.84 -4.07
C1 NAG C . 21.20 -8.44 6.00
C2 NAG C . 21.94 -8.08 4.72
C3 NAG C . 23.41 -7.94 5.07
C4 NAG C . 23.57 -6.91 6.20
C5 NAG C . 22.68 -7.30 7.40
C6 NAG C . 22.75 -6.33 8.57
C7 NAG C . 20.95 -8.95 2.63
C8 NAG C . 20.86 -10.12 1.70
N2 NAG C . 21.73 -9.10 3.71
O3 NAG C . 24.10 -7.53 3.92
O4 NAG C . 24.93 -6.80 6.58
O5 NAG C . 21.33 -7.40 6.94
O6 NAG C . 22.44 -5.02 8.14
O7 NAG C . 20.31 -7.94 2.36
C1 NAG D . 12.46 0.09 19.88
C2 NAG D . 13.11 0.93 20.98
C3 NAG D . 13.11 2.38 20.52
C4 NAG D . 13.76 2.47 19.14
C5 NAG D . 13.22 1.43 18.14
C6 NAG D . 14.02 1.45 16.83
C7 NAG D . 13.03 0.28 23.36
C8 NAG D . 12.19 0.14 24.61
N2 NAG D . 12.43 0.76 22.25
O3 NAG D . 13.79 3.17 21.46
O4 NAG D . 13.52 3.76 18.61
O5 NAG D . 13.21 0.13 18.70
O6 NAG D . 13.88 0.20 16.19
O7 NAG D . 14.22 -0.04 23.40
C1 NAG E . -24.97 -11.14 21.17
C2 NAG E . -25.52 -11.35 22.57
C3 NAG E . -25.55 -12.85 22.81
C4 NAG E . -26.41 -13.51 21.71
C5 NAG E . -25.99 -13.06 20.31
C6 NAG E . -26.90 -13.60 19.21
C7 NAG E . -25.35 -9.35 24.02
C8 NAG E . -24.57 -8.55 25.02
N2 NAG E . -24.82 -10.51 23.55
O3 NAG E . -26.11 -13.13 24.08
O4 NAG E . -26.29 -14.92 21.78
O5 NAG E . -25.93 -11.64 20.26
O6 NAG E . -28.16 -12.95 19.25
O7 NAG E . -26.46 -8.91 23.69
C1 GOL F . -4.59 18.28 -24.11
O1 GOL F . -5.37 18.11 -22.92
C2 GOL F . -3.64 19.47 -23.97
O2 GOL F . -2.74 19.45 -25.09
C3 GOL F . -2.80 19.38 -22.71
O3 GOL F . -3.66 19.18 -21.58
C1 GOL G . -23.13 -3.82 8.84
O1 GOL G . -24.50 -4.07 9.19
C2 GOL G . -22.99 -3.61 7.34
O2 GOL G . -21.66 -3.93 6.98
C3 GOL G . -23.29 -2.17 6.90
O3 GOL G . -22.06 -1.48 6.65
S SO4 H . 19.83 -10.61 -30.96
O1 SO4 H . 19.44 -10.17 -32.30
O2 SO4 H . 20.70 -9.60 -30.29
O3 SO4 H . 20.63 -11.84 -30.98
O4 SO4 H . 18.54 -10.80 -30.25
C ACT I . -0.92 20.28 13.99
O ACT I . -1.50 19.60 13.15
OXT ACT I . 0.22 20.71 13.74
CH3 ACT I . -1.61 20.54 15.30
C ACT J . -25.82 -7.06 15.67
O ACT J . -24.78 -6.38 15.77
OXT ACT J . -25.77 -8.31 15.67
CH3 ACT J . -27.16 -6.36 15.57
C ACT K . -6.00 -17.49 22.55
O ACT K . -6.57 -17.08 21.53
OXT ACT K . -6.41 -17.18 23.69
CH3 ACT K . -4.79 -18.34 22.44
C ACT L . -0.49 -25.64 4.55
O ACT L . -0.48 -25.99 3.36
OXT ACT L . -1.35 -24.82 4.94
CH3 ACT L . 0.53 -26.16 5.53
C ACT M . 4.07 -18.94 -23.46
O ACT M . 3.28 -18.06 -23.90
OXT ACT M . 3.72 -20.14 -23.45
CH3 ACT M . 5.42 -18.55 -22.91
C ACT N . 5.24 -13.52 -26.12
O ACT N . 4.34 -12.97 -26.80
OXT ACT N . 5.06 -13.79 -24.92
CH3 ACT N . 6.56 -13.84 -26.76
C ACT O . 13.76 2.13 -37.66
O ACT O . 12.85 2.43 -38.47
OXT ACT O . 14.58 2.99 -37.25
CH3 ACT O . 13.85 0.71 -37.19
C ACT P . 25.82 -1.08 1.30
O ACT P . 25.12 -0.17 0.82
OXT ACT P . 25.56 -2.28 1.11
CH3 ACT P . 27.04 -0.71 2.10
C ACT Q . 30.35 -7.09 -19.68
O ACT Q . 29.96 -6.47 -18.68
OXT ACT Q . 30.03 -8.29 -19.83
CH3 ACT Q . 31.19 -6.35 -20.68
#